data_2HMP
#
_entry.id   2HMP
#
_cell.length_a   63.900
_cell.length_b   198.110
_cell.length_c   69.560
_cell.angle_alpha   90.00
_cell.angle_beta   90.00
_cell.angle_gamma   90.00
#
_symmetry.space_group_name_H-M   'P 21 21 21'
#
loop_
_entity.id
_entity.type
_entity.pdbx_description
1 polymer 'actin, alpha skeletal muscle'
2 non-polymer 'STRONTIUM ION'
3 non-polymer SPERMIDINE
4 non-polymer "ADENOSINE-5'-TRIPHOSPHATE"
5 non-polymer 1,2-ETHANEDIOL
6 non-polymer "2,2',2''-NITRILOTRIETHANOL"
7 water water
#
_entity_poly.entity_id   1
_entity_poly.type   'polypeptide(L)'
_entity_poly.pdbx_seq_one_letter_code
;DEDETTALVCDNGSGLVKAGFAGDDAPRAVFPSIVGRPRHQGVMVGMGQKDSYVGDEAQSKRGILTLKYPIE(HIC)GII
TNWDDMEKIWHHTFYNELRVAPEEHPTLLTEAPLNPKANREKMTQIMFETFNVPAMYVAIQAVLSLYASGRTTGIVLDSG
DGVTHNVPIYEGYALPHAIMRLDLAGRDLTDYLMKILTERGYSFVTTAEREIVRDIKEKLCYVALDFENEMATAASSSSL
EKSYELPDGQVITIGNERFRCPETLFQPSFIGMESAGIHETTYNSIMKCDIDIRKDLYANNVMSGGTTMYPGIADRMQKE
ITALAPSTMKIKIIAPPERKYSVWIGGSILASLSTFQQMWITKQEYDEAGPSIVHRKCF
;
_entity_poly.pdbx_strand_id   A,B
#
loop_
_chem_comp.id
_chem_comp.type
_chem_comp.name
_chem_comp.formula
211 non-polymer 2,2',2''-NITRILOTRIETHANOL 'C6 H15 N O3'
ATP non-polymer ADENOSINE-5'-TRIPHOSPHATE 'C10 H16 N5 O13 P3'
EDO non-polymer 1,2-ETHANEDIOL 'C2 H6 O2'
SPD non-polymer SPERMIDINE 'C7 H19 N3'
SR non-polymer 'STRONTIUM ION' 'Sr 2'
#
# COMPACT_ATOMS: atom_id res chain seq x y z
N THR A 5 -12.84 -2.18 -12.40
CA THR A 5 -11.76 -3.05 -12.97
C THR A 5 -11.02 -3.79 -11.86
N THR A 6 -11.06 -5.12 -11.87
CA THR A 6 -10.35 -5.90 -10.86
C THR A 6 -9.13 -6.56 -11.49
N ALA A 7 -7.99 -6.46 -10.81
CA ALA A 7 -6.79 -7.12 -11.27
C ALA A 7 -6.78 -8.60 -10.88
N LEU A 8 -6.03 -9.37 -11.65
CA LEU A 8 -5.80 -10.77 -11.34
C LEU A 8 -4.40 -10.92 -10.78
N VAL A 9 -4.22 -11.88 -9.88
CA VAL A 9 -2.90 -12.16 -9.33
C VAL A 9 -2.64 -13.65 -9.58
N CYS A 10 -1.57 -13.96 -10.30
CA CYS A 10 -1.24 -15.34 -10.63
C CYS A 10 0.18 -15.60 -10.16
N ASP A 11 0.30 -16.46 -9.15
CA ASP A 11 1.61 -16.88 -8.64
C ASP A 11 1.96 -18.31 -9.09
N ASN A 12 2.84 -18.40 -10.08
CA ASN A 12 3.21 -19.68 -10.67
C ASN A 12 4.41 -20.30 -9.96
N GLY A 13 4.18 -21.43 -9.30
CA GLY A 13 5.26 -22.15 -8.60
C GLY A 13 5.67 -23.43 -9.34
N SER A 14 6.74 -24.07 -8.88
CA SER A 14 7.23 -25.31 -9.49
C SER A 14 6.20 -26.42 -9.37
N GLY A 15 5.51 -26.47 -8.23
CA GLY A 15 4.53 -27.51 -7.94
C GLY A 15 3.09 -27.07 -8.01
N LEU A 16 2.80 -25.82 -7.60
CA LEU A 16 1.42 -25.33 -7.54
C LEU A 16 1.26 -23.95 -8.13
N VAL A 17 0.15 -23.77 -8.83
CA VAL A 17 -0.32 -22.45 -9.27
C VAL A 17 -1.26 -21.90 -8.20
N LYS A 18 -1.07 -20.62 -7.84
CA LYS A 18 -1.98 -19.93 -6.92
C LYS A 18 -2.50 -18.72 -7.66
N ALA A 19 -3.81 -18.61 -7.79
CA ALA A 19 -4.39 -17.60 -8.67
C ALA A 19 -5.68 -17.07 -8.08
N GLY A 20 -5.94 -15.78 -8.32
CA GLY A 20 -7.17 -15.16 -7.85
C GLY A 20 -7.24 -13.70 -8.20
N PHE A 21 -8.00 -12.96 -7.40
CA PHE A 21 -8.31 -11.55 -7.68
C PHE A 21 -7.68 -10.69 -6.64
N ALA A 22 -7.05 -9.61 -7.10
CA ALA A 22 -6.42 -8.62 -6.24
C ALA A 22 -7.48 -8.04 -5.30
N GLY A 23 -7.12 -7.93 -4.02
CA GLY A 23 -8.04 -7.46 -3.00
C GLY A 23 -8.62 -8.57 -2.18
N ASP A 24 -8.63 -9.81 -2.71
CA ASP A 24 -9.09 -10.96 -1.94
C ASP A 24 -8.01 -11.39 -0.93
N ASP A 25 -8.43 -12.05 0.17
CA ASP A 25 -7.51 -12.46 1.24
C ASP A 25 -6.76 -13.76 0.94
N ALA A 26 -7.24 -14.51 -0.05
CA ALA A 26 -6.64 -15.79 -0.42
C ALA A 26 -6.86 -16.10 -1.90
N PRO A 27 -5.98 -16.92 -2.51
CA PRO A 27 -6.22 -17.34 -3.90
C PRO A 27 -7.52 -18.13 -4.03
N ARG A 28 -8.24 -17.93 -5.13
CA ARG A 28 -9.46 -18.71 -5.44
C ARG A 28 -9.09 -20.09 -5.91
N ALA A 29 -7.98 -20.17 -6.64
CA ALA A 29 -7.61 -21.39 -7.33
C ALA A 29 -6.20 -21.79 -6.93
N VAL A 30 -6.07 -23.02 -6.45
CA VAL A 30 -4.73 -23.59 -6.17
C VAL A 30 -4.72 -24.98 -6.82
N PHE A 31 -3.79 -25.22 -7.74
CA PHE A 31 -3.78 -26.49 -8.47
C PHE A 31 -2.36 -26.85 -8.98
N PRO A 32 -2.12 -28.15 -9.29
CA PRO A 32 -0.78 -28.61 -9.69
C PRO A 32 -0.31 -27.98 -10.99
N SER A 33 0.94 -27.54 -10.97
CA SER A 33 1.56 -26.93 -12.15
C SER A 33 2.10 -28.03 -13.06
N ILE A 34 1.17 -28.78 -13.65
CA ILE A 34 1.53 -29.98 -14.42
C ILE A 34 0.70 -30.00 -15.69
N VAL A 35 1.34 -30.43 -16.77
CA VAL A 35 0.65 -30.60 -18.03
C VAL A 35 0.92 -32.04 -18.48
N GLY A 36 -0.16 -32.78 -18.75
CA GLY A 36 -0.07 -34.16 -19.27
C GLY A 36 -0.49 -34.22 -20.73
N ARG A 37 0.18 -35.06 -21.50
CA ARG A 37 -0.13 -35.26 -22.91
C ARG A 37 -0.16 -36.78 -23.16
N PRO A 38 -1.08 -37.27 -24.02
CA PRO A 38 -1.20 -38.72 -24.21
C PRO A 38 0.14 -39.41 -24.48
N ARG A 39 0.36 -40.54 -23.82
CA ARG A 39 1.59 -41.33 -23.95
C ARG A 39 1.87 -41.78 -25.40
N LYS A 50 -8.11 -35.94 -26.24
CA LYS A 50 -7.64 -34.57 -26.04
C LYS A 50 -6.11 -34.47 -26.10
N ASP A 51 -5.62 -33.36 -26.65
CA ASP A 51 -4.17 -33.15 -26.87
C ASP A 51 -3.34 -33.00 -25.59
N SER A 52 -3.91 -32.32 -24.59
CA SER A 52 -3.20 -32.02 -23.35
C SER A 52 -4.18 -31.77 -22.20
N TYR A 53 -3.73 -32.10 -21.01
CA TYR A 53 -4.51 -31.91 -19.79
C TYR A 53 -3.67 -31.09 -18.82
N VAL A 54 -4.34 -30.33 -17.97
CA VAL A 54 -3.66 -29.48 -17.01
C VAL A 54 -4.13 -29.74 -15.58
N GLY A 55 -3.17 -29.76 -14.66
CA GLY A 55 -3.45 -29.70 -13.23
C GLY A 55 -4.20 -30.91 -12.68
N ASP A 56 -5.33 -30.63 -12.04
CA ASP A 56 -6.12 -31.67 -11.39
C ASP A 56 -6.44 -32.83 -12.34
N GLU A 57 -6.85 -32.49 -13.56
CA GLU A 57 -7.27 -33.51 -14.53
C GLU A 57 -6.09 -34.31 -15.09
N ALA A 58 -4.96 -33.66 -15.26
CA ALA A 58 -3.76 -34.34 -15.72
C ALA A 58 -3.36 -35.40 -14.70
N GLN A 59 -3.38 -35.03 -13.43
CA GLN A 59 -3.00 -35.90 -12.32
C GLN A 59 -3.86 -37.17 -12.29
N SER A 60 -5.17 -36.99 -12.37
CA SER A 60 -6.11 -38.11 -12.28
C SER A 60 -5.98 -39.06 -13.46
N LYS A 61 -5.61 -38.52 -14.62
CA LYS A 61 -5.47 -39.33 -15.81
C LYS A 61 -4.04 -39.78 -16.05
N ARG A 62 -3.17 -39.64 -15.05
CA ARG A 62 -1.72 -39.84 -15.30
C ARG A 62 -1.34 -41.23 -15.82
N GLY A 63 -2.16 -42.23 -15.51
CA GLY A 63 -2.00 -43.59 -16.05
C GLY A 63 -1.94 -43.69 -17.57
N ILE A 64 -2.55 -42.74 -18.28
CA ILE A 64 -2.48 -42.70 -19.76
C ILE A 64 -1.73 -41.49 -20.31
N LEU A 65 -1.12 -40.70 -19.42
CA LEU A 65 -0.42 -39.48 -19.84
C LEU A 65 1.06 -39.49 -19.49
N THR A 66 1.82 -38.69 -20.22
CA THR A 66 3.16 -38.28 -19.82
C THR A 66 3.02 -36.89 -19.19
N LEU A 67 3.41 -36.78 -17.91
CA LEU A 67 3.29 -35.53 -17.15
C LEU A 67 4.61 -34.77 -17.10
N LYS A 68 4.54 -33.46 -17.32
CA LYS A 68 5.69 -32.57 -17.24
C LYS A 68 5.37 -31.35 -16.37
N TYR A 69 6.39 -30.86 -15.68
CA TYR A 69 6.34 -29.63 -14.84
C TYR A 69 7.03 -28.52 -15.63
N PRO A 70 6.28 -27.54 -16.15
CA PRO A 70 6.87 -26.52 -17.01
C PRO A 70 7.79 -25.55 -16.26
N ILE A 71 7.66 -25.54 -14.93
CA ILE A 71 8.51 -24.72 -14.07
C ILE A 71 9.40 -25.59 -13.19
N GLU A 72 10.70 -25.33 -13.25
CA GLU A 72 11.68 -26.08 -12.47
C GLU A 72 12.48 -25.13 -11.60
N HIC A 73 12.48 -25.38 -10.28
CA HIC A 73 13.12 -24.46 -9.33
C HIC A 73 12.67 -23.02 -9.50
O HIC A 73 13.47 -22.07 -9.34
CB HIC A 73 14.64 -24.54 -9.49
CG HIC A 73 15.15 -25.91 -9.15
ND1 HIC A 73 15.66 -26.81 -10.02
CD2 HIC A 73 15.19 -26.47 -7.90
CE1 HIC A 73 16.01 -27.91 -9.30
NE2 HIC A 73 15.74 -27.68 -8.00
CZ HIC A 73 15.97 -28.60 -6.85
N GLY A 74 11.40 -22.85 -9.86
CA GLY A 74 10.84 -21.52 -9.96
C GLY A 74 10.97 -20.84 -11.32
N ILE A 75 11.76 -21.44 -12.21
CA ILE A 75 12.04 -20.87 -13.54
C ILE A 75 11.25 -21.63 -14.61
N ILE A 76 10.59 -20.90 -15.52
CA ILE A 76 9.89 -21.55 -16.63
C ILE A 76 10.91 -22.18 -17.59
N THR A 77 10.74 -23.47 -17.88
CA THR A 77 11.66 -24.17 -18.80
C THR A 77 10.93 -24.82 -19.99
N ASN A 78 9.60 -24.87 -19.94
CA ASN A 78 8.84 -25.39 -21.06
C ASN A 78 7.70 -24.42 -21.40
N TRP A 79 7.88 -23.65 -22.47
CA TRP A 79 7.01 -22.53 -22.77
C TRP A 79 5.68 -22.96 -23.39
N ASP A 80 5.70 -24.04 -24.17
CA ASP A 80 4.45 -24.55 -24.75
C ASP A 80 3.52 -25.02 -23.61
N ASP A 81 4.09 -25.73 -22.64
CA ASP A 81 3.32 -26.21 -21.51
C ASP A 81 2.95 -25.09 -20.53
N MET A 82 3.82 -24.10 -20.38
CA MET A 82 3.49 -22.92 -19.57
C MET A 82 2.28 -22.17 -20.14
N GLU A 83 2.23 -22.02 -21.46
CA GLU A 83 1.07 -21.38 -22.08
C GLU A 83 -0.23 -22.10 -21.76
N LYS A 84 -0.17 -23.43 -21.73
CA LYS A 84 -1.33 -24.24 -21.35
C LYS A 84 -1.73 -24.04 -19.89
N ILE A 85 -0.76 -23.87 -18.99
CA ILE A 85 -1.05 -23.55 -17.60
C ILE A 85 -1.78 -22.20 -17.48
N TRP A 86 -1.29 -21.17 -18.16
CA TRP A 86 -1.92 -19.85 -18.10
C TRP A 86 -3.32 -19.88 -18.71
N HIS A 87 -3.47 -20.61 -19.80
CA HIS A 87 -4.79 -20.78 -20.43
C HIS A 87 -5.78 -21.43 -19.46
N HIS A 88 -5.37 -22.54 -18.84
CA HIS A 88 -6.18 -23.21 -17.83
C HIS A 88 -6.54 -22.31 -16.63
N THR A 89 -5.56 -21.53 -16.17
CA THR A 89 -5.79 -20.57 -15.09
C THR A 89 -6.87 -19.55 -15.41
N PHE A 90 -6.75 -18.90 -16.56
CA PHE A 90 -7.66 -17.84 -16.94
C PHE A 90 -9.06 -18.42 -17.21
N TYR A 91 -9.11 -19.43 -18.08
CA TYR A 91 -10.39 -19.86 -18.68
C TYR A 91 -11.12 -20.94 -17.90
N ASN A 92 -10.37 -21.82 -17.22
CA ASN A 92 -10.97 -22.99 -16.58
C ASN A 92 -11.06 -22.87 -15.07
N GLU A 93 -10.12 -22.13 -14.47
CA GLU A 93 -10.09 -21.98 -13.03
C GLU A 93 -10.72 -20.66 -12.58
N LEU A 94 -10.14 -19.52 -12.99
CA LEU A 94 -10.73 -18.21 -12.69
C LEU A 94 -12.00 -17.92 -13.51
N ARG A 95 -12.05 -18.47 -14.71
CA ARG A 95 -13.18 -18.31 -15.64
C ARG A 95 -13.45 -16.84 -15.96
N VAL A 96 -12.40 -16.15 -16.42
CA VAL A 96 -12.50 -14.75 -16.76
C VAL A 96 -12.10 -14.58 -18.22
N ALA A 97 -12.42 -13.42 -18.78
CA ALA A 97 -11.77 -13.01 -20.03
C ALA A 97 -10.53 -12.20 -19.65
N PRO A 98 -9.33 -12.69 -20.01
CA PRO A 98 -8.09 -11.98 -19.64
C PRO A 98 -8.00 -10.56 -20.18
N GLU A 99 -8.61 -10.31 -21.36
CA GLU A 99 -8.62 -8.95 -21.91
C GLU A 99 -9.29 -7.93 -21.00
N GLU A 100 -10.01 -8.37 -19.96
CA GLU A 100 -10.68 -7.41 -19.07
C GLU A 100 -9.92 -7.13 -17.77
N HIS A 101 -8.78 -7.78 -17.57
CA HIS A 101 -8.14 -7.72 -16.25
C HIS A 101 -6.64 -7.47 -16.33
N PRO A 102 -6.17 -6.37 -15.71
CA PRO A 102 -4.71 -6.24 -15.52
C PRO A 102 -4.24 -7.45 -14.71
N THR A 103 -3.11 -8.03 -15.09
CA THR A 103 -2.64 -9.27 -14.49
C THR A 103 -1.26 -9.10 -13.86
N LEU A 104 -1.16 -9.45 -12.58
CA LEU A 104 0.11 -9.39 -11.88
C LEU A 104 0.66 -10.81 -11.80
N LEU A 105 1.88 -10.99 -12.29
CA LEU A 105 2.56 -12.28 -12.25
C LEU A 105 3.76 -12.17 -11.31
N THR A 106 4.38 -13.31 -11.01
CA THR A 106 5.48 -13.35 -10.07
C THR A 106 6.69 -14.02 -10.68
N GLU A 107 7.86 -13.78 -10.11
CA GLU A 107 9.08 -14.42 -10.63
C GLU A 107 10.07 -14.78 -9.52
N ALA A 108 10.92 -15.75 -9.84
CA ALA A 108 11.88 -16.31 -8.90
C ALA A 108 13.14 -15.47 -8.91
N PRO A 109 14.05 -15.73 -7.93
CA PRO A 109 15.34 -15.04 -7.92
C PRO A 109 16.13 -15.29 -9.19
N LEU A 110 16.75 -14.25 -9.73
CA LEU A 110 17.63 -14.34 -10.91
C LEU A 110 16.91 -14.93 -12.13
N ASN A 111 15.63 -14.59 -12.28
CA ASN A 111 14.89 -15.03 -13.45
C ASN A 111 15.50 -14.37 -14.70
N PRO A 112 15.92 -15.18 -15.71
CA PRO A 112 16.55 -14.62 -16.92
C PRO A 112 15.74 -13.53 -17.61
N LYS A 113 16.44 -12.49 -18.10
CA LYS A 113 15.76 -11.37 -18.75
C LYS A 113 14.92 -11.88 -19.91
N ALA A 114 15.44 -12.87 -20.64
CA ALA A 114 14.75 -13.47 -21.78
C ALA A 114 13.39 -14.04 -21.38
N ASN A 115 13.33 -14.63 -20.19
CA ASN A 115 12.10 -15.23 -19.67
C ASN A 115 11.06 -14.21 -19.30
N ARG A 116 11.49 -13.11 -18.68
CA ARG A 116 10.60 -12.01 -18.32
C ARG A 116 10.00 -11.43 -19.60
N GLU A 117 10.83 -11.21 -20.61
CA GLU A 117 10.36 -10.74 -21.93
C GLU A 117 9.33 -11.65 -22.57
N LYS A 118 9.59 -12.95 -22.56
CA LYS A 118 8.72 -13.91 -23.20
C LYS A 118 7.38 -13.99 -22.47
N MET A 119 7.42 -13.96 -21.13
CA MET A 119 6.18 -13.90 -20.35
C MET A 119 5.33 -12.67 -20.71
N THR A 120 5.98 -11.50 -20.81
CA THR A 120 5.33 -10.26 -21.18
C THR A 120 4.70 -10.36 -22.58
N GLN A 121 5.48 -10.87 -23.54
CA GLN A 121 4.97 -11.09 -24.90
C GLN A 121 3.73 -11.98 -24.90
N ILE A 122 3.83 -13.15 -24.27
CA ILE A 122 2.71 -14.07 -24.16
C ILE A 122 1.46 -13.42 -23.54
N MET A 123 1.64 -12.70 -22.44
CA MET A 123 0.47 -12.09 -21.79
C MET A 123 -0.25 -11.07 -22.70
N PHE A 124 0.51 -10.20 -23.34
CA PHE A 124 -0.08 -9.18 -24.20
C PHE A 124 -0.54 -9.73 -25.55
N GLU A 125 0.21 -10.67 -26.11
CA GLU A 125 -0.10 -11.10 -27.48
C GLU A 125 -1.00 -12.33 -27.55
N THR A 126 -0.84 -13.27 -26.63
CA THR A 126 -1.68 -14.47 -26.63
C THR A 126 -2.94 -14.27 -25.80
N PHE A 127 -2.80 -13.70 -24.60
CA PHE A 127 -3.93 -13.58 -23.70
C PHE A 127 -4.57 -12.22 -23.72
N ASN A 128 -3.96 -11.29 -24.47
CA ASN A 128 -4.54 -9.98 -24.74
C ASN A 128 -4.88 -9.15 -23.50
N VAL A 129 -4.07 -9.28 -22.44
CA VAL A 129 -4.33 -8.53 -21.22
C VAL A 129 -4.21 -7.03 -21.44
N PRO A 130 -5.01 -6.22 -20.74
CA PRO A 130 -4.92 -4.78 -20.89
C PRO A 130 -3.67 -4.16 -20.22
N ALA A 131 -3.12 -4.85 -19.23
CA ALA A 131 -1.98 -4.37 -18.47
C ALA A 131 -1.39 -5.56 -17.72
N MET A 132 -0.13 -5.44 -17.34
CA MET A 132 0.57 -6.56 -16.72
C MET A 132 1.73 -6.01 -15.88
N TYR A 133 2.15 -6.82 -14.92
CA TYR A 133 3.31 -6.52 -14.09
C TYR A 133 3.95 -7.84 -13.64
N VAL A 134 5.27 -7.84 -13.43
CA VAL A 134 5.94 -9.04 -12.86
C VAL A 134 6.68 -8.60 -11.60
N ALA A 135 6.33 -9.24 -10.49
CA ALA A 135 6.93 -8.92 -9.18
C ALA A 135 7.79 -10.06 -8.65
N ILE A 136 8.77 -9.70 -7.81
CA ILE A 136 9.64 -10.70 -7.19
C ILE A 136 8.90 -11.40 -6.05
N GLN A 137 8.82 -12.71 -6.14
CA GLN A 137 8.06 -13.53 -5.15
C GLN A 137 8.43 -13.25 -3.69
N ALA A 138 9.72 -13.28 -3.37
CA ALA A 138 10.14 -13.06 -2.00
C ALA A 138 9.78 -11.68 -1.48
N VAL A 139 9.86 -10.67 -2.34
CA VAL A 139 9.46 -9.31 -1.96
C VAL A 139 7.96 -9.28 -1.66
N LEU A 140 7.13 -9.90 -2.51
CA LEU A 140 5.69 -10.01 -2.18
C LEU A 140 5.42 -10.65 -0.81
N SER A 141 6.12 -11.75 -0.50
CA SER A 141 5.98 -12.40 0.80
C SER A 141 6.34 -11.49 1.94
N LEU A 142 7.42 -10.74 1.79
CA LEU A 142 7.80 -9.79 2.82
C LEU A 142 6.75 -8.71 2.99
N TYR A 143 6.25 -8.18 1.87
CA TYR A 143 5.16 -7.20 1.91
C TYR A 143 3.98 -7.71 2.72
N ALA A 144 3.61 -8.98 2.50
CA ALA A 144 2.44 -9.57 3.14
C ALA A 144 2.66 -9.69 4.66
N SER A 145 3.92 -9.81 5.07
CA SER A 145 4.26 -9.95 6.48
C SER A 145 4.27 -8.61 7.20
N GLY A 146 4.13 -7.52 6.45
CA GLY A 146 4.10 -6.18 7.02
C GLY A 146 5.43 -5.42 7.02
N ARG A 147 6.28 -5.71 6.04
CA ARG A 147 7.68 -5.25 6.02
C ARG A 147 8.16 -4.90 4.63
N THR A 148 9.15 -4.00 4.55
CA THR A 148 9.90 -3.81 3.31
C THR A 148 11.39 -4.09 3.52
N THR A 149 11.79 -4.31 4.78
CA THR A 149 13.15 -4.78 5.11
C THR A 149 13.11 -6.10 5.91
N GLY A 150 13.86 -7.10 5.47
CA GLY A 150 13.89 -8.38 6.16
C GLY A 150 14.55 -9.42 5.29
N ILE A 151 14.68 -10.63 5.82
CA ILE A 151 15.19 -11.75 5.04
C ILE A 151 14.15 -12.86 5.00
N VAL A 152 13.82 -13.28 3.79
CA VAL A 152 12.77 -14.29 3.57
C VAL A 152 13.40 -15.64 3.38
N LEU A 153 12.86 -16.65 4.06
CA LEU A 153 13.14 -18.04 3.74
C LEU A 153 11.91 -18.53 2.98
N ASP A 154 12.09 -18.81 1.70
CA ASP A 154 10.99 -19.26 0.86
C ASP A 154 11.27 -20.71 0.50
N SER A 155 10.44 -21.62 1.01
CA SER A 155 10.61 -23.03 0.73
C SER A 155 9.33 -23.55 0.13
N GLY A 156 9.41 -24.06 -1.11
CA GLY A 156 8.22 -24.47 -1.84
C GLY A 156 8.15 -25.96 -2.08
N ASP A 157 7.89 -26.32 -3.33
CA ASP A 157 7.76 -27.71 -3.74
C ASP A 157 9.07 -28.23 -4.29
N GLY A 158 9.82 -27.37 -4.97
CA GLY A 158 11.04 -27.81 -5.63
C GLY A 158 12.32 -27.15 -5.18
N VAL A 159 12.22 -25.95 -4.62
CA VAL A 159 13.45 -25.23 -4.25
C VAL A 159 13.26 -24.40 -2.98
N THR A 160 14.36 -24.15 -2.27
CA THR A 160 14.36 -23.26 -1.09
C THR A 160 15.35 -22.13 -1.35
N HIS A 161 14.96 -20.88 -1.05
CA HIS A 161 15.86 -19.74 -1.20
C HIS A 161 15.82 -18.90 0.07
N ASN A 162 16.94 -18.26 0.40
CA ASN A 162 16.93 -17.09 1.26
C ASN A 162 17.11 -15.84 0.44
N VAL A 163 16.26 -14.83 0.67
CA VAL A 163 16.34 -13.59 -0.08
C VAL A 163 16.30 -12.44 0.91
N PRO A 164 17.45 -11.81 1.14
CA PRO A 164 17.46 -10.64 1.97
C PRO A 164 17.02 -9.43 1.15
N ILE A 165 16.28 -8.55 1.82
CA ILE A 165 15.61 -7.44 1.13
C ILE A 165 15.81 -6.20 1.98
N TYR A 166 16.25 -5.12 1.36
CA TYR A 166 16.45 -3.87 2.11
C TYR A 166 15.65 -2.75 1.47
N GLU A 167 14.77 -2.15 2.26
CA GLU A 167 13.91 -1.04 1.79
C GLU A 167 13.27 -1.36 0.44
N GLY A 168 12.71 -2.56 0.34
CA GLY A 168 11.91 -2.95 -0.81
C GLY A 168 12.63 -3.59 -1.97
N TYR A 169 13.97 -3.64 -1.89
CA TYR A 169 14.79 -4.23 -2.96
C TYR A 169 15.52 -5.47 -2.48
N ALA A 170 15.41 -6.54 -3.25
CA ALA A 170 16.16 -7.77 -3.00
C ALA A 170 17.64 -7.50 -3.23
N LEU A 171 18.48 -8.22 -2.48
CA LEU A 171 19.93 -8.03 -2.51
C LEU A 171 20.49 -9.29 -3.13
N PRO A 172 20.64 -9.29 -4.46
CA PRO A 172 20.87 -10.53 -5.19
C PRO A 172 22.24 -11.19 -4.88
N HIS A 173 23.21 -10.38 -4.50
CA HIS A 173 24.54 -10.87 -4.12
C HIS A 173 24.51 -11.75 -2.87
N ALA A 174 23.41 -11.67 -2.12
CA ALA A 174 23.27 -12.44 -0.86
C ALA A 174 22.22 -13.55 -0.87
N ILE A 175 21.58 -13.77 -2.02
CA ILE A 175 20.61 -14.86 -2.15
C ILE A 175 21.32 -16.20 -1.99
N MET A 176 20.74 -17.08 -1.18
CA MET A 176 21.25 -18.44 -0.98
C MET A 176 20.18 -19.42 -1.46
N ARG A 177 20.61 -20.59 -1.94
CA ARG A 177 19.69 -21.63 -2.43
C ARG A 177 19.98 -22.96 -1.74
N LEU A 178 18.92 -23.71 -1.45
CA LEU A 178 19.04 -25.09 -0.99
C LEU A 178 18.22 -25.93 -1.95
N ASP A 179 18.87 -26.91 -2.57
CA ASP A 179 18.25 -27.67 -3.65
C ASP A 179 17.35 -28.78 -3.14
N LEU A 180 16.53 -28.47 -2.16
CA LEU A 180 15.53 -29.44 -1.69
C LEU A 180 14.37 -28.64 -1.15
N ALA A 181 13.18 -29.22 -1.25
CA ALA A 181 12.00 -28.56 -0.70
C ALA A 181 10.96 -29.63 -0.51
N GLY A 182 9.70 -29.24 -0.65
CA GLY A 182 8.55 -30.11 -0.32
C GLY A 182 8.49 -31.47 -0.97
N ARG A 183 8.80 -31.54 -2.26
CA ARG A 183 8.74 -32.83 -2.94
C ARG A 183 9.78 -33.82 -2.40
N ASP A 184 10.94 -33.32 -2.00
CA ASP A 184 12.00 -34.13 -1.39
C ASP A 184 11.61 -34.64 0.00
N LEU A 185 10.90 -33.82 0.75
CA LEU A 185 10.46 -34.19 2.09
C LEU A 185 9.39 -35.29 1.98
N THR A 186 8.52 -35.17 0.98
CA THR A 186 7.50 -36.19 0.71
C THR A 186 8.18 -37.50 0.36
N ASP A 187 9.18 -37.43 -0.50
CA ASP A 187 9.93 -38.65 -0.91
C ASP A 187 10.65 -39.29 0.25
N TYR A 188 11.24 -38.46 1.12
CA TYR A 188 11.94 -38.93 2.32
C TYR A 188 10.97 -39.60 3.31
N LEU A 189 9.81 -38.96 3.51
CA LEU A 189 8.79 -39.55 4.39
C LEU A 189 8.34 -40.91 3.86
N MET A 190 8.16 -40.99 2.54
CA MET A 190 7.76 -42.24 1.88
C MET A 190 8.81 -43.32 2.15
N LYS A 191 10.08 -42.95 2.02
CA LYS A 191 11.19 -43.87 2.29
C LYS A 191 11.20 -44.40 3.72
N ILE A 192 11.09 -43.52 4.71
CA ILE A 192 11.11 -43.98 6.11
C ILE A 192 9.82 -44.71 6.52
N LEU A 193 8.69 -44.38 5.88
CA LEU A 193 7.46 -45.13 6.13
C LEU A 193 7.51 -46.49 5.46
N THR A 194 8.20 -46.57 4.32
CA THR A 194 8.42 -47.86 3.68
C THR A 194 9.28 -48.77 4.58
N GLU A 195 10.23 -48.17 5.28
CA GLU A 195 11.05 -48.91 6.27
C GLU A 195 10.23 -49.52 7.41
N ARG A 196 9.02 -48.99 7.61
CA ARG A 196 8.06 -49.51 8.59
C ARG A 196 7.20 -50.64 8.05
N GLY A 197 7.37 -50.99 6.77
CA GLY A 197 6.57 -52.04 6.16
C GLY A 197 5.36 -51.56 5.38
N TYR A 198 5.19 -50.25 5.26
CA TYR A 198 4.08 -49.73 4.47
C TYR A 198 4.51 -49.68 3.02
N SER A 199 3.57 -49.62 2.09
CA SER A 199 3.88 -49.64 0.66
C SER A 199 3.08 -48.60 -0.11
N PHE A 200 3.79 -47.82 -0.93
CA PHE A 200 3.18 -46.73 -1.68
C PHE A 200 3.56 -46.80 -3.16
N VAL A 201 2.72 -47.47 -3.95
CA VAL A 201 3.03 -47.72 -5.36
C VAL A 201 2.17 -46.92 -6.34
N THR A 202 0.91 -46.70 -6.00
CA THR A 202 0.01 -45.96 -6.88
C THR A 202 0.12 -44.48 -6.60
N THR A 203 -0.32 -43.65 -7.54
CA THR A 203 -0.42 -42.21 -7.33
C THR A 203 -1.25 -41.91 -6.11
N ALA A 204 -2.37 -42.62 -5.97
CA ALA A 204 -3.27 -42.44 -4.84
C ALA A 204 -2.55 -42.65 -3.51
N GLU A 205 -1.70 -43.69 -3.44
CA GLU A 205 -0.93 -43.98 -2.23
C GLU A 205 0.17 -42.96 -1.97
N ARG A 206 0.79 -42.46 -3.03
CA ARG A 206 1.82 -41.44 -2.87
C ARG A 206 1.19 -40.14 -2.39
N GLU A 207 -0.01 -39.83 -2.86
CA GLU A 207 -0.76 -38.67 -2.39
C GLU A 207 -1.10 -38.78 -0.90
N ILE A 208 -1.25 -40.01 -0.43
CA ILE A 208 -1.47 -40.26 0.98
C ILE A 208 -0.26 -39.79 1.79
N VAL A 209 0.95 -40.06 1.29
CA VAL A 209 2.15 -39.67 2.01
C VAL A 209 2.20 -38.13 2.12
N ARG A 210 1.87 -37.45 1.03
CA ARG A 210 1.83 -35.98 1.04
C ARG A 210 0.86 -35.46 2.09
N ASP A 211 -0.31 -36.08 2.17
CA ASP A 211 -1.30 -35.73 3.21
C ASP A 211 -0.79 -35.92 4.62
N ILE A 212 -0.11 -37.04 4.89
CA ILE A 212 0.47 -37.28 6.21
C ILE A 212 1.50 -36.22 6.55
N LYS A 213 2.33 -35.89 5.56
CA LYS A 213 3.37 -34.86 5.75
C LYS A 213 2.71 -33.54 6.16
N GLU A 214 1.68 -33.14 5.43
CA GLU A 214 1.02 -31.85 5.62
C GLU A 214 0.17 -31.77 6.90
N LYS A 215 -0.20 -32.92 7.45
CA LYS A 215 -1.07 -32.96 8.63
C LYS A 215 -0.44 -33.38 9.94
N LEU A 216 0.58 -34.23 9.89
CA LEU A 216 1.09 -34.84 11.12
C LEU A 216 2.55 -34.53 11.43
N CYS A 217 3.26 -33.93 10.48
CA CYS A 217 4.68 -33.63 10.71
C CYS A 217 4.91 -32.34 11.48
N TYR A 218 6.06 -32.25 12.14
CA TYR A 218 6.46 -31.04 12.87
C TYR A 218 7.96 -30.98 13.02
N VAL A 219 8.48 -29.81 13.34
CA VAL A 219 9.91 -29.65 13.56
C VAL A 219 10.18 -29.71 15.07
N ALA A 220 11.07 -30.62 15.47
CA ALA A 220 11.47 -30.76 16.87
C ALA A 220 12.35 -29.60 17.31
N LEU A 221 12.17 -29.13 18.53
CA LEU A 221 13.01 -28.07 19.07
C LEU A 221 14.44 -28.56 19.25
N ASP A 222 14.57 -29.75 19.84
CA ASP A 222 15.86 -30.41 19.94
C ASP A 222 15.69 -31.81 19.40
N PHE A 223 16.30 -32.05 18.24
CA PHE A 223 16.11 -33.30 17.53
C PHE A 223 16.52 -34.54 18.36
N GLU A 224 17.70 -34.52 18.95
CA GLU A 224 18.15 -35.68 19.74
C GLU A 224 17.23 -35.95 20.94
N ASN A 225 16.78 -34.91 21.63
CA ASN A 225 15.84 -35.07 22.74
C ASN A 225 14.52 -35.67 22.30
N GLU A 226 14.01 -35.17 21.17
CA GLU A 226 12.75 -35.65 20.65
C GLU A 226 12.83 -37.11 20.21
N MET A 227 13.98 -37.51 19.66
CA MET A 227 14.18 -38.92 19.30
C MET A 227 14.06 -39.79 20.56
N ALA A 228 14.69 -39.32 21.64
CA ALA A 228 14.69 -40.02 22.93
C ALA A 228 13.29 -40.14 23.51
N THR A 229 12.53 -39.05 23.44
CA THR A 229 11.15 -39.06 23.85
C THR A 229 10.34 -40.07 23.07
N ALA A 230 10.45 -40.04 21.74
CA ALA A 230 9.70 -40.96 20.89
C ALA A 230 10.03 -42.42 21.17
N ALA A 231 11.26 -42.67 21.60
CA ALA A 231 11.74 -44.03 21.88
C ALA A 231 11.29 -44.55 23.24
N SER A 232 11.04 -43.65 24.20
CA SER A 232 10.71 -44.05 25.57
C SER A 232 9.21 -44.12 25.88
N SER A 233 8.37 -43.53 25.04
CA SER A 233 6.91 -43.58 25.24
C SER A 233 6.19 -43.54 23.90
N SER A 234 4.87 -43.73 23.93
CA SER A 234 4.03 -43.60 22.74
C SER A 234 3.44 -42.19 22.62
N SER A 235 3.89 -41.29 23.49
CA SER A 235 3.32 -39.95 23.63
C SER A 235 3.30 -39.10 22.35
N LEU A 236 4.21 -39.40 21.41
CA LEU A 236 4.31 -38.66 20.15
C LEU A 236 3.65 -39.35 18.97
N GLU A 237 3.01 -40.51 19.20
CA GLU A 237 2.42 -41.27 18.10
C GLU A 237 1.08 -40.70 17.59
N LYS A 238 0.86 -40.84 16.29
CA LYS A 238 -0.39 -40.45 15.62
C LYS A 238 -0.79 -41.53 14.62
N SER A 239 -2.10 -41.72 14.43
CA SER A 239 -2.57 -42.62 13.40
C SER A 239 -3.22 -41.88 12.24
N TYR A 240 -3.15 -42.48 11.06
CA TYR A 240 -3.72 -41.93 9.84
C TYR A 240 -4.56 -43.01 9.17
N GLU A 241 -5.86 -42.74 9.00
CA GLU A 241 -6.79 -43.70 8.40
C GLU A 241 -6.92 -43.48 6.90
N LEU A 242 -6.71 -44.56 6.14
CA LEU A 242 -6.85 -44.52 4.70
C LEU A 242 -8.31 -44.74 4.29
N PRO A 243 -8.69 -44.24 3.10
CA PRO A 243 -10.07 -44.39 2.60
C PRO A 243 -10.54 -45.84 2.51
N ASP A 244 -9.60 -46.78 2.41
CA ASP A 244 -9.93 -48.19 2.20
C ASP A 244 -9.95 -49.03 3.49
N GLY A 245 -9.75 -48.37 4.64
CA GLY A 245 -9.80 -49.08 5.93
C GLY A 245 -8.44 -49.26 6.59
N GLN A 246 -7.39 -49.18 5.78
CA GLN A 246 -6.02 -49.36 6.28
C GLN A 246 -5.61 -48.22 7.22
N VAL A 247 -4.64 -48.50 8.08
CA VAL A 247 -4.17 -47.54 9.07
C VAL A 247 -2.65 -47.44 9.06
N ILE A 248 -2.13 -46.22 9.12
CA ILE A 248 -0.70 -45.96 9.25
C ILE A 248 -0.45 -45.30 10.60
N THR A 249 0.47 -45.87 11.38
CA THR A 249 0.86 -45.25 12.65
C THR A 249 2.28 -44.68 12.51
N ILE A 250 2.47 -43.45 13.01
CA ILE A 250 3.70 -42.69 12.81
C ILE A 250 4.18 -42.14 14.14
N GLY A 251 5.48 -42.22 14.39
CA GLY A 251 6.07 -41.67 15.61
C GLY A 251 7.14 -40.64 15.32
N ASN A 252 8.40 -41.08 15.38
CA ASN A 252 9.50 -40.15 15.10
C ASN A 252 9.58 -39.69 13.63
N GLU A 253 8.89 -40.39 12.72
CA GLU A 253 8.77 -39.97 11.31
C GLU A 253 8.13 -38.57 11.21
N ARG A 254 7.31 -38.21 12.20
CA ARG A 254 6.67 -36.90 12.25
C ARG A 254 7.67 -35.75 12.21
N PHE A 255 8.79 -35.90 12.93
CA PHE A 255 9.79 -34.83 12.99
C PHE A 255 11.10 -35.15 12.25
N ARG A 256 11.31 -36.41 11.90
CA ARG A 256 12.50 -36.79 11.09
C ARG A 256 12.35 -36.23 9.68
N CYS A 257 11.11 -36.24 9.16
CA CYS A 257 10.85 -35.74 7.80
C CYS A 257 11.28 -34.25 7.63
N PRO A 258 10.68 -33.31 8.39
CA PRO A 258 11.18 -31.93 8.22
C PRO A 258 12.54 -31.61 8.85
N GLU A 259 13.05 -32.51 9.69
CA GLU A 259 14.45 -32.37 10.14
C GLU A 259 15.42 -32.27 8.96
N THR A 260 15.03 -32.86 7.82
CA THR A 260 15.81 -32.81 6.55
C THR A 260 16.15 -31.37 6.12
N LEU A 261 15.25 -30.44 6.39
CA LEU A 261 15.49 -29.02 6.11
C LEU A 261 16.71 -28.47 6.85
N PHE A 262 16.91 -28.94 8.09
CA PHE A 262 18.08 -28.55 8.90
C PHE A 262 19.29 -29.47 8.69
N GLN A 263 19.02 -30.69 8.27
CA GLN A 263 20.06 -31.70 8.03
C GLN A 263 19.85 -32.36 6.67
N PRO A 264 20.25 -31.67 5.58
CA PRO A 264 20.12 -32.22 4.24
C PRO A 264 20.84 -33.56 4.02
N SER A 265 21.78 -33.92 4.89
CA SER A 265 22.44 -35.25 4.84
C SER A 265 21.44 -36.40 4.93
N PHE A 266 20.30 -36.14 5.56
CA PHE A 266 19.19 -37.09 5.61
C PHE A 266 18.80 -37.66 4.25
N ILE A 267 18.93 -36.86 3.19
CA ILE A 267 18.67 -37.35 1.85
C ILE A 267 19.93 -37.42 1.00
N GLY A 268 21.09 -37.41 1.65
CA GLY A 268 22.37 -37.59 0.96
C GLY A 268 22.94 -36.34 0.33
N MET A 269 22.51 -35.17 0.80
CA MET A 269 23.05 -33.90 0.32
C MET A 269 24.05 -33.31 1.31
N GLU A 270 25.15 -32.76 0.76
CA GLU A 270 26.19 -32.12 1.56
C GLU A 270 25.90 -30.67 2.00
N SER A 271 24.79 -30.12 1.54
CA SER A 271 24.49 -28.70 1.69
C SER A 271 24.21 -28.23 3.11
N ALA A 272 24.41 -26.94 3.34
CA ALA A 272 23.97 -26.30 4.58
C ALA A 272 22.46 -26.43 4.70
N GLY A 273 21.99 -26.58 5.94
CA GLY A 273 20.53 -26.60 6.23
C GLY A 273 19.97 -25.20 6.27
N ILE A 274 18.66 -25.07 6.40
CA ILE A 274 17.98 -23.75 6.27
C ILE A 274 18.40 -22.72 7.31
N HIS A 275 18.81 -23.15 8.51
CA HIS A 275 19.31 -22.21 9.50
C HIS A 275 20.65 -21.61 9.04
N GLU A 276 21.49 -22.47 8.47
CA GLU A 276 22.82 -22.05 8.05
C GLU A 276 22.78 -21.22 6.77
N THR A 277 21.89 -21.60 5.84
CA THR A 277 21.67 -20.76 4.63
C THR A 277 21.15 -19.38 5.03
N THR A 278 20.26 -19.32 6.03
CA THR A 278 19.71 -18.05 6.49
C THR A 278 20.83 -17.18 7.06
N TYR A 279 21.61 -17.79 7.94
CA TYR A 279 22.80 -17.13 8.52
C TYR A 279 23.78 -16.69 7.42
N ASN A 280 24.13 -17.59 6.50
CA ASN A 280 25.08 -17.25 5.43
C ASN A 280 24.60 -16.06 4.59
N SER A 281 23.29 -16.01 4.32
CA SER A 281 22.68 -14.93 3.56
C SER A 281 22.79 -13.58 4.26
N ILE A 282 22.46 -13.54 5.54
CA ILE A 282 22.59 -12.34 6.34
C ILE A 282 24.04 -11.90 6.30
N MET A 283 24.95 -12.84 6.46
CA MET A 283 26.39 -12.48 6.56
C MET A 283 27.02 -12.05 5.22
N LYS A 284 26.29 -12.25 4.12
CA LYS A 284 26.73 -11.72 2.82
C LYS A 284 26.29 -10.28 2.61
N CYS A 285 25.41 -9.79 3.48
CA CYS A 285 24.94 -8.41 3.41
C CYS A 285 25.89 -7.46 4.13
N ASP A 286 25.77 -6.18 3.81
CA ASP A 286 26.54 -5.12 4.48
C ASP A 286 26.36 -5.18 6.01
N ILE A 287 27.46 -5.06 6.73
CA ILE A 287 27.45 -5.17 8.20
C ILE A 287 26.35 -4.29 8.82
N ASP A 288 26.20 -3.06 8.36
CA ASP A 288 25.24 -2.11 8.94
C ASP A 288 23.74 -2.44 8.72
N ILE A 289 23.42 -3.45 7.92
CA ILE A 289 21.99 -3.83 7.80
C ILE A 289 21.69 -5.20 8.42
N ARG A 290 22.73 -5.89 8.89
CA ARG A 290 22.54 -7.24 9.41
C ARG A 290 21.61 -7.27 10.63
N LYS A 291 21.72 -6.26 11.50
CA LYS A 291 20.87 -6.20 12.69
C LYS A 291 19.39 -6.21 12.27
N ASP A 292 19.05 -5.44 11.23
CA ASP A 292 17.67 -5.38 10.71
C ASP A 292 17.21 -6.71 10.12
N LEU A 293 18.13 -7.43 9.47
CA LEU A 293 17.76 -8.72 8.91
C LEU A 293 17.52 -9.75 10.00
N TYR A 294 18.36 -9.73 11.02
CA TYR A 294 18.23 -10.72 12.10
C TYR A 294 16.90 -10.57 12.83
N ALA A 295 16.44 -9.34 12.95
CA ALA A 295 15.18 -9.05 13.64
C ALA A 295 13.96 -9.19 12.74
N ASN A 296 14.17 -9.57 11.48
CA ASN A 296 13.08 -9.66 10.50
C ASN A 296 13.20 -10.88 9.57
N ASN A 297 13.36 -12.06 10.13
CA ASN A 297 13.39 -13.31 9.33
C ASN A 297 11.98 -13.78 9.11
N VAL A 298 11.51 -13.73 7.85
CA VAL A 298 10.14 -14.07 7.54
C VAL A 298 10.11 -15.41 6.79
N MET A 299 9.25 -16.33 7.23
CA MET A 299 9.14 -17.62 6.55
C MET A 299 8.00 -17.61 5.54
N SER A 300 8.24 -18.20 4.37
CA SER A 300 7.31 -18.12 3.25
C SER A 300 7.26 -19.47 2.53
N GLY A 301 6.11 -19.86 2.02
CA GLY A 301 6.05 -21.06 1.18
C GLY A 301 5.48 -22.26 1.92
N GLY A 302 4.95 -23.22 1.17
CA GLY A 302 4.28 -24.38 1.76
C GLY A 302 5.18 -25.18 2.70
N THR A 303 6.44 -25.28 2.34
CA THR A 303 7.36 -26.14 3.12
C THR A 303 7.86 -25.50 4.44
N THR A 304 7.51 -24.24 4.68
CA THR A 304 7.72 -23.64 6.01
C THR A 304 6.51 -23.80 6.94
N MET A 305 5.49 -24.52 6.52
CA MET A 305 4.24 -24.63 7.29
C MET A 305 4.33 -25.49 8.57
N TYR A 306 5.43 -26.24 8.73
CA TYR A 306 5.58 -27.19 9.84
C TYR A 306 5.48 -26.49 11.20
N PRO A 307 4.56 -26.95 12.08
CA PRO A 307 4.59 -26.43 13.45
C PRO A 307 5.98 -26.63 14.07
N GLY A 308 6.42 -25.68 14.90
CA GLY A 308 7.75 -25.79 15.52
C GLY A 308 8.88 -25.10 14.76
N ILE A 309 8.66 -24.83 13.49
CA ILE A 309 9.77 -24.34 12.64
C ILE A 309 10.35 -22.99 13.09
N ALA A 310 9.50 -22.05 13.49
CA ALA A 310 9.94 -20.73 13.94
C ALA A 310 10.81 -20.82 15.21
N ASP A 311 10.34 -21.58 16.21
CA ASP A 311 11.10 -21.75 17.45
C ASP A 311 12.43 -22.46 17.21
N ARG A 312 12.43 -23.48 16.35
CA ARG A 312 13.68 -24.14 15.99
C ARG A 312 14.64 -23.18 15.27
N MET A 313 14.12 -22.41 14.32
CA MET A 313 14.96 -21.43 13.63
C MET A 313 15.53 -20.40 14.63
N GLN A 314 14.69 -19.95 15.55
CA GLN A 314 15.14 -19.00 16.58
C GLN A 314 16.34 -19.57 17.34
N LYS A 315 16.24 -20.82 17.77
CA LYS A 315 17.29 -21.49 18.54
C LYS A 315 18.57 -21.63 17.71
N GLU A 316 18.43 -22.11 16.46
CA GLU A 316 19.60 -22.34 15.59
C GLU A 316 20.32 -21.06 15.20
N ILE A 317 19.54 -20.05 14.80
CA ILE A 317 20.13 -18.75 14.46
C ILE A 317 20.83 -18.13 15.67
N THR A 318 20.17 -18.17 16.83
CA THR A 318 20.76 -17.68 18.09
C THR A 318 22.15 -18.29 18.34
N ALA A 319 22.28 -19.59 18.07
CA ALA A 319 23.55 -20.29 18.27
C ALA A 319 24.66 -19.81 17.32
N LEU A 320 24.28 -19.30 16.15
CA LEU A 320 25.27 -18.86 15.15
C LEU A 320 25.60 -17.39 15.24
N ALA A 321 24.61 -16.59 15.65
CA ALA A 321 24.72 -15.12 15.66
C ALA A 321 25.49 -14.63 16.85
N PRO A 322 25.92 -13.34 16.81
CA PRO A 322 26.53 -12.72 17.99
C PRO A 322 25.60 -12.77 19.19
N SER A 323 26.18 -12.90 20.38
CA SER A 323 25.42 -13.14 21.60
C SER A 323 24.41 -12.05 21.93
N THR A 324 24.65 -10.83 21.46
CA THR A 324 23.74 -9.74 21.82
C THR A 324 22.73 -9.42 20.73
N MET A 325 22.64 -10.28 19.72
CA MET A 325 21.82 -9.99 18.53
C MET A 325 20.35 -10.27 18.83
N LYS A 326 19.50 -9.29 18.57
CA LYS A 326 18.06 -9.53 18.66
C LYS A 326 17.63 -10.28 17.41
N ILE A 327 17.02 -11.44 17.61
CA ILE A 327 16.61 -12.31 16.53
C ILE A 327 15.12 -12.55 16.66
N LYS A 328 14.41 -12.40 15.54
CA LYS A 328 12.98 -12.66 15.54
C LYS A 328 12.65 -13.41 14.27
N ILE A 329 11.86 -14.48 14.40
CA ILE A 329 11.38 -15.27 13.25
C ILE A 329 9.90 -15.03 13.13
N ILE A 330 9.46 -14.60 11.96
CA ILE A 330 8.05 -14.31 11.70
C ILE A 330 7.51 -15.40 10.78
N ALA A 331 6.47 -16.10 11.23
CA ALA A 331 5.85 -17.16 10.45
C ALA A 331 4.36 -16.96 10.39
N PRO A 332 3.88 -16.16 9.42
CA PRO A 332 2.46 -15.86 9.29
C PRO A 332 1.65 -17.15 9.09
N PRO A 333 0.45 -17.24 9.68
CA PRO A 333 -0.32 -18.48 9.60
C PRO A 333 -0.69 -18.95 8.17
N GLU A 334 -0.88 -18.03 7.22
CA GLU A 334 -1.23 -18.44 5.85
C GLU A 334 -0.02 -18.33 4.91
N ARG A 335 1.17 -18.60 5.44
CA ARG A 335 2.41 -18.35 4.70
C ARG A 335 2.59 -19.24 3.48
N LYS A 336 1.84 -20.33 3.38
CA LYS A 336 1.84 -21.14 2.17
C LYS A 336 1.31 -20.34 0.96
N TYR A 337 0.58 -19.26 1.22
CA TYR A 337 0.13 -18.33 0.16
C TYR A 337 0.67 -16.90 0.29
N SER A 338 1.74 -16.67 1.06
CA SER A 338 2.21 -15.30 1.29
C SER A 338 2.61 -14.57 0.00
N VAL A 339 3.21 -15.28 -0.95
CA VAL A 339 3.57 -14.62 -2.23
C VAL A 339 2.29 -14.07 -2.86
N TRP A 340 1.28 -14.93 -2.94
CA TRP A 340 0.00 -14.56 -3.55
C TRP A 340 -0.63 -13.36 -2.83
N ILE A 341 -0.68 -13.46 -1.51
CA ILE A 341 -1.27 -12.40 -0.68
C ILE A 341 -0.56 -11.07 -0.87
N GLY A 342 0.77 -11.10 -0.94
CA GLY A 342 1.53 -9.87 -1.19
C GLY A 342 1.17 -9.30 -2.56
N GLY A 343 1.04 -10.17 -3.54
CA GLY A 343 0.55 -9.80 -4.89
C GLY A 343 -0.83 -9.15 -4.82
N SER A 344 -1.75 -9.75 -4.07
CA SER A 344 -3.10 -9.19 -3.87
C SER A 344 -3.07 -7.77 -3.26
N ILE A 345 -2.24 -7.60 -2.24
CA ILE A 345 -2.03 -6.29 -1.62
C ILE A 345 -1.49 -5.27 -2.64
N LEU A 346 -0.43 -5.64 -3.35
CA LEU A 346 0.20 -4.71 -4.29
C LEU A 346 -0.75 -4.29 -5.41
N ALA A 347 -1.39 -5.26 -6.06
CA ALA A 347 -2.18 -4.98 -7.27
C ALA A 347 -3.46 -4.18 -6.95
N SER A 348 -3.91 -4.25 -5.71
CA SER A 348 -5.08 -3.48 -5.25
C SER A 348 -4.73 -2.13 -4.60
N LEU A 349 -3.44 -1.80 -4.52
CA LEU A 349 -2.99 -0.57 -3.85
C LEU A 349 -3.10 0.64 -4.78
N SER A 350 -3.70 1.73 -4.32
CA SER A 350 -3.86 2.94 -5.15
C SER A 350 -2.54 3.39 -5.79
N THR A 351 -1.46 3.40 -5.01
CA THR A 351 -0.18 3.95 -5.46
C THR A 351 0.48 3.12 -6.56
N PHE A 352 -0.01 1.90 -6.77
CA PHE A 352 0.54 0.99 -7.75
C PHE A 352 -0.08 1.20 -9.13
N GLN A 353 -1.16 1.98 -9.20
CA GLN A 353 -1.97 1.99 -10.42
C GLN A 353 -1.29 2.59 -11.65
N GLN A 354 -0.25 3.38 -11.46
CA GLN A 354 0.54 3.86 -12.61
C GLN A 354 1.76 2.98 -12.89
N MET A 355 1.93 1.92 -12.09
CA MET A 355 3.09 1.02 -12.23
C MET A 355 2.92 -0.07 -13.28
N TRP A 356 1.67 -0.40 -13.59
CA TRP A 356 1.35 -1.41 -14.58
C TRP A 356 1.99 -1.08 -15.93
N ILE A 357 2.43 -2.12 -16.63
CA ILE A 357 2.75 -1.98 -18.06
C ILE A 357 1.40 -2.01 -18.76
N THR A 358 1.08 -0.99 -19.55
CA THR A 358 -0.18 -0.98 -20.30
C THR A 358 0.01 -1.55 -21.71
N LYS A 359 -1.08 -1.99 -22.32
CA LYS A 359 -1.07 -2.54 -23.68
C LYS A 359 -0.45 -1.51 -24.63
N GLN A 360 -0.78 -0.25 -24.42
CA GLN A 360 -0.23 0.88 -25.19
C GLN A 360 1.29 0.99 -25.08
N GLU A 361 1.80 0.95 -23.84
CA GLU A 361 3.27 0.91 -23.61
C GLU A 361 3.96 -0.29 -24.28
N TYR A 362 3.32 -1.47 -24.21
CA TYR A 362 3.82 -2.66 -24.86
C TYR A 362 3.86 -2.50 -26.39
N ASP A 363 2.80 -1.93 -26.95
CA ASP A 363 2.73 -1.73 -28.41
C ASP A 363 3.88 -0.85 -28.88
N GLU A 364 4.13 0.21 -28.13
CA GLU A 364 5.12 1.21 -28.48
C GLU A 364 6.56 0.79 -28.16
N ALA A 365 6.75 -0.12 -27.19
CA ALA A 365 8.10 -0.49 -26.75
C ALA A 365 8.50 -1.94 -26.97
N GLY A 366 7.54 -2.85 -27.11
CA GLY A 366 7.84 -4.26 -27.23
C GLY A 366 8.13 -4.89 -25.87
N PRO A 367 8.44 -6.20 -25.84
CA PRO A 367 8.62 -7.00 -24.62
C PRO A 367 9.69 -6.48 -23.66
N SER A 368 10.71 -5.79 -24.18
CA SER A 368 11.77 -5.27 -23.33
C SER A 368 11.29 -4.18 -22.36
N ILE A 369 10.07 -3.68 -22.58
CA ILE A 369 9.45 -2.75 -21.64
C ILE A 369 9.46 -3.28 -20.19
N VAL A 370 9.40 -4.61 -20.04
CA VAL A 370 9.33 -5.22 -18.70
C VAL A 370 10.55 -4.81 -17.83
N HIS A 371 11.72 -4.67 -18.46
CA HIS A 371 12.95 -4.32 -17.73
C HIS A 371 12.96 -2.89 -17.22
N ARG A 372 12.22 -2.04 -17.92
CA ARG A 372 12.16 -0.63 -17.57
C ARG A 372 11.10 -0.35 -16.50
N LYS A 373 10.10 -1.24 -16.42
CA LYS A 373 8.93 -0.94 -15.59
C LYS A 373 8.84 -1.82 -14.32
N CYS A 374 9.37 -3.03 -14.40
CA CYS A 374 9.09 -4.01 -13.34
C CYS A 374 10.25 -4.25 -12.41
N PHE A 375 10.08 -3.83 -11.16
CA PHE A 375 11.05 -4.02 -10.08
C PHE A 375 10.38 -4.58 -8.82
N THR B 5 -4.01 -4.59 15.76
CA THR B 5 -3.86 -3.14 16.08
C THR B 5 -4.38 -2.26 14.93
N THR B 6 -5.17 -1.24 15.26
CA THR B 6 -5.71 -0.33 14.25
C THR B 6 -5.14 1.08 14.41
N ALA B 7 -4.81 1.70 13.28
CA ALA B 7 -4.17 3.01 13.26
C ALA B 7 -5.22 4.12 13.18
N LEU B 8 -4.87 5.28 13.73
CA LEU B 8 -5.67 6.48 13.59
C LEU B 8 -5.01 7.39 12.57
N VAL B 9 -5.83 8.18 11.88
CA VAL B 9 -5.36 9.14 10.91
C VAL B 9 -5.95 10.47 11.30
N CYS B 10 -5.07 11.43 11.59
CA CYS B 10 -5.53 12.78 11.92
C CYS B 10 -4.90 13.76 10.96
N ASP B 11 -5.74 14.38 10.15
CA ASP B 11 -5.33 15.42 9.20
C ASP B 11 -5.74 16.79 9.75
N ASN B 12 -4.77 17.48 10.34
CA ASN B 12 -5.02 18.79 10.96
C ASN B 12 -4.86 19.92 9.95
N GLY B 13 -5.96 20.63 9.69
CA GLY B 13 -5.98 21.77 8.78
C GLY B 13 -6.18 23.11 9.50
N SER B 14 -5.98 24.20 8.76
CA SER B 14 -6.17 25.57 9.26
C SER B 14 -7.61 25.79 9.74
N GLY B 15 -8.58 25.30 8.98
CA GLY B 15 -10.01 25.45 9.34
C GLY B 15 -10.67 24.22 9.96
N LEU B 16 -10.29 23.02 9.49
CA LEU B 16 -10.98 21.77 9.87
C LEU B 16 -10.02 20.67 10.23
N VAL B 17 -10.34 19.93 11.30
CA VAL B 17 -9.68 18.66 11.60
C VAL B 17 -10.48 17.57 10.90
N LYS B 18 -9.78 16.67 10.21
CA LYS B 18 -10.37 15.47 9.64
C LYS B 18 -9.71 14.26 10.32
N ALA B 19 -10.49 13.44 11.01
CA ALA B 19 -9.91 12.37 11.80
C ALA B 19 -10.73 11.09 11.67
N GLY B 20 -10.06 9.95 11.82
CA GLY B 20 -10.75 8.69 11.67
C GLY B 20 -9.80 7.52 11.83
N PHE B 21 -10.27 6.37 11.35
CA PHE B 21 -9.56 5.08 11.49
C PHE B 21 -9.00 4.64 10.16
N ALA B 22 -7.72 4.27 10.15
CA ALA B 22 -7.06 3.77 8.94
C ALA B 22 -7.84 2.57 8.41
N GLY B 23 -8.03 2.54 7.09
CA GLY B 23 -8.80 1.49 6.44
C GLY B 23 -10.18 1.96 6.04
N ASP B 24 -10.69 2.98 6.73
CA ASP B 24 -12.00 3.56 6.39
C ASP B 24 -11.88 4.39 5.12
N ASP B 25 -13.00 4.51 4.40
CA ASP B 25 -13.07 5.28 3.16
C ASP B 25 -13.25 6.78 3.37
N ALA B 26 -13.61 7.18 4.60
CA ALA B 26 -13.86 8.58 4.95
C ALA B 26 -13.56 8.83 6.44
N PRO B 27 -13.23 10.08 6.81
CA PRO B 27 -13.01 10.37 8.23
C PRO B 27 -14.30 10.15 9.03
N ARG B 28 -14.18 9.66 10.26
CA ARG B 28 -15.35 9.55 11.15
C ARG B 28 -15.77 10.92 11.70
N ALA B 29 -14.81 11.84 11.78
CA ALA B 29 -15.02 13.12 12.47
C ALA B 29 -14.40 14.26 11.68
N VAL B 30 -15.18 15.32 11.50
CA VAL B 30 -14.68 16.52 10.84
C VAL B 30 -15.20 17.70 11.65
N PHE B 31 -14.32 18.57 12.14
CA PHE B 31 -14.77 19.65 13.02
C PHE B 31 -13.83 20.85 12.98
N PRO B 32 -14.31 22.04 13.36
CA PRO B 32 -13.48 23.25 13.33
C PRO B 32 -12.24 23.18 14.22
N SER B 33 -11.13 23.62 13.65
CA SER B 33 -9.84 23.66 14.32
C SER B 33 -9.73 24.96 15.13
N ILE B 34 -10.55 25.03 16.17
CA ILE B 34 -10.77 26.24 16.95
C ILE B 34 -10.72 25.86 18.41
N VAL B 35 -10.00 26.66 19.18
CA VAL B 35 -9.98 26.52 20.65
C VAL B 35 -10.49 27.82 21.25
N GLY B 36 -11.54 27.70 22.06
CA GLY B 36 -12.15 28.84 22.75
C GLY B 36 -11.87 28.81 24.24
N ARG B 37 -11.44 29.95 24.77
CA ARG B 37 -11.22 30.12 26.20
C ARG B 37 -12.08 31.31 26.66
N PRO B 38 -12.56 31.28 27.92
CA PRO B 38 -13.46 32.32 28.44
C PRO B 38 -12.99 33.75 28.20
N ARG B 39 -13.91 34.63 27.82
CA ARG B 39 -13.62 36.05 27.60
C ARG B 39 -13.24 36.73 28.91
N ASP B 51 -12.44 25.46 31.29
CA ASP B 51 -11.45 26.48 30.95
C ASP B 51 -11.09 26.54 29.45
N SER B 52 -11.42 25.48 28.71
CA SER B 52 -11.21 25.45 27.25
C SER B 52 -12.26 24.61 26.52
N TYR B 53 -12.72 25.13 25.38
CA TYR B 53 -13.64 24.41 24.51
C TYR B 53 -13.03 24.24 23.12
N VAL B 54 -13.37 23.15 22.44
CA VAL B 54 -12.82 22.87 21.11
C VAL B 54 -13.94 22.59 20.12
N GLY B 55 -13.75 23.04 18.88
CA GLY B 55 -14.61 22.63 17.79
C GLY B 55 -16.00 23.22 17.82
N ASP B 56 -17.01 22.38 17.57
CA ASP B 56 -18.41 22.83 17.47
C ASP B 56 -18.84 23.62 18.71
N GLU B 57 -18.49 23.10 19.88
CA GLU B 57 -18.89 23.72 21.15
C GLU B 57 -18.25 25.09 21.35
N ALA B 58 -16.96 25.21 21.05
CA ALA B 58 -16.27 26.49 21.09
C ALA B 58 -16.97 27.50 20.19
N GLN B 59 -17.40 27.05 19.02
CA GLN B 59 -18.09 27.88 18.04
C GLN B 59 -19.44 28.33 18.58
N SER B 60 -20.24 27.36 19.06
CA SER B 60 -21.58 27.65 19.56
C SER B 60 -21.61 28.41 20.88
N LYS B 61 -20.45 28.58 21.52
CA LYS B 61 -20.33 29.39 22.73
C LYS B 61 -19.45 30.63 22.52
N ARG B 62 -19.36 31.09 21.27
CA ARG B 62 -18.47 32.20 20.90
C ARG B 62 -18.67 33.46 21.75
N GLY B 63 -19.92 33.73 22.10
CA GLY B 63 -20.30 34.90 22.89
C GLY B 63 -19.57 35.03 24.21
N ILE B 64 -19.33 33.89 24.87
CA ILE B 64 -18.65 33.87 26.16
C ILE B 64 -17.18 33.43 26.07
N LEU B 65 -16.67 33.32 24.84
CA LEU B 65 -15.31 32.82 24.61
C LEU B 65 -14.47 33.70 23.70
N THR B 66 -13.16 33.65 23.92
CA THR B 66 -12.17 34.14 22.97
C THR B 66 -11.73 32.94 22.11
N LEU B 67 -11.82 33.07 20.78
CA LEU B 67 -11.50 31.96 19.87
C LEU B 67 -10.15 32.10 19.18
N LYS B 68 -9.40 31.00 19.13
CA LYS B 68 -8.08 31.01 18.48
C LYS B 68 -7.95 29.79 17.54
N TYR B 69 -7.23 30.00 16.45
CA TYR B 69 -6.95 28.94 15.48
C TYR B 69 -5.48 28.56 15.65
N PRO B 70 -5.19 27.36 16.20
CA PRO B 70 -3.80 26.95 16.48
C PRO B 70 -2.98 26.73 15.23
N ILE B 71 -3.63 26.56 14.08
CA ILE B 71 -2.92 26.34 12.82
C ILE B 71 -3.20 27.49 11.87
N GLU B 72 -2.13 28.10 11.37
CA GLU B 72 -2.20 29.26 10.48
C GLU B 72 -1.48 28.93 9.19
N HIC B 73 -2.21 29.05 8.08
CA HIC B 73 -1.66 28.71 6.77
C HIC B 73 -1.04 27.34 6.81
O HIC B 73 0.05 27.14 6.28
CB HIC B 73 -0.64 29.74 6.28
CG HIC B 73 -1.17 31.16 6.34
ND1 HIC B 73 -0.77 32.10 7.21
CD2 HIC B 73 -2.12 31.74 5.51
CE1 HIC B 73 -1.46 33.24 6.95
NE2 HIC B 73 -2.28 33.01 5.92
CZ HIC B 73 -3.20 34.03 5.34
N GLY B 74 -1.71 26.41 7.49
CA GLY B 74 -1.27 25.00 7.56
C GLY B 74 -0.19 24.65 8.56
N ILE B 75 0.40 25.67 9.19
CA ILE B 75 1.48 25.48 10.16
C ILE B 75 0.95 25.64 11.57
N ILE B 76 1.32 24.72 12.46
CA ILE B 76 0.98 24.86 13.87
C ILE B 76 1.79 26.02 14.49
N THR B 77 1.08 26.99 15.05
CA THR B 77 1.72 28.16 15.66
C THR B 77 1.37 28.33 17.15
N ASN B 78 0.41 27.53 17.65
CA ASN B 78 0.08 27.55 19.09
C ASN B 78 0.02 26.13 19.63
N TRP B 79 1.10 25.70 20.27
CA TRP B 79 1.29 24.30 20.66
C TRP B 79 0.39 23.92 21.83
N ASP B 80 0.16 24.88 22.73
CA ASP B 80 -0.74 24.66 23.86
C ASP B 80 -2.15 24.40 23.37
N ASP B 81 -2.62 25.22 22.44
CA ASP B 81 -3.96 25.03 21.89
C ASP B 81 -4.00 23.80 20.98
N MET B 82 -2.91 23.53 20.28
CA MET B 82 -2.87 22.32 19.43
C MET B 82 -3.05 21.05 20.27
N GLU B 83 -2.40 20.97 21.43
CA GLU B 83 -2.60 19.87 22.38
C GLU B 83 -4.05 19.68 22.73
N LYS B 84 -4.77 20.79 22.92
CA LYS B 84 -6.21 20.74 23.16
C LYS B 84 -7.01 20.16 21.99
N ILE B 85 -6.66 20.56 20.77
CA ILE B 85 -7.28 19.98 19.57
C ILE B 85 -7.07 18.45 19.53
N TRP B 86 -5.84 18.01 19.79
CA TRP B 86 -5.53 16.58 19.72
C TRP B 86 -6.23 15.81 20.83
N HIS B 87 -6.23 16.37 22.04
CA HIS B 87 -6.99 15.77 23.16
C HIS B 87 -8.47 15.61 22.78
N HIS B 88 -9.07 16.65 22.23
CA HIS B 88 -10.46 16.61 21.81
C HIS B 88 -10.68 15.55 20.73
N THR B 89 -9.76 15.49 19.77
CA THR B 89 -9.83 14.50 18.69
C THR B 89 -9.89 13.07 19.21
N PHE B 90 -8.98 12.73 20.11
CA PHE B 90 -8.90 11.36 20.65
C PHE B 90 -10.11 11.06 21.52
N TYR B 91 -10.35 11.92 22.52
CA TYR B 91 -11.30 11.57 23.58
C TYR B 91 -12.76 11.89 23.28
N ASN B 92 -13.00 12.98 22.56
CA ASN B 92 -14.37 13.44 22.37
C ASN B 92 -14.95 13.15 20.99
N GLU B 93 -14.09 13.01 19.98
CA GLU B 93 -14.57 12.78 18.62
C GLU B 93 -14.41 11.32 18.21
N LEU B 94 -13.18 10.83 18.23
CA LEU B 94 -12.91 9.42 17.90
C LEU B 94 -13.23 8.49 19.07
N ARG B 95 -13.18 9.06 20.28
CA ARG B 95 -13.48 8.34 21.52
C ARG B 95 -12.63 7.09 21.66
N VAL B 96 -11.31 7.26 21.57
CA VAL B 96 -10.38 6.16 21.78
C VAL B 96 -9.22 6.60 22.67
N ALA B 97 -8.59 5.61 23.30
CA ALA B 97 -7.42 5.82 24.13
C ALA B 97 -6.19 5.86 23.23
N PRO B 98 -5.54 7.03 23.13
CA PRO B 98 -4.43 7.16 22.17
C PRO B 98 -3.28 6.17 22.40
N GLU B 99 -3.12 5.71 23.64
CA GLU B 99 -2.03 4.77 23.98
C GLU B 99 -2.21 3.42 23.31
N GLU B 100 -3.39 3.17 22.73
CA GLU B 100 -3.67 1.92 22.04
C GLU B 100 -3.46 1.94 20.52
N HIS B 101 -3.19 3.13 19.94
CA HIS B 101 -3.26 3.29 18.48
C HIS B 101 -2.01 3.94 17.90
N PRO B 102 -1.35 3.27 16.92
CA PRO B 102 -0.39 4.03 16.11
C PRO B 102 -1.16 5.17 15.45
N THR B 103 -0.59 6.37 15.45
CA THR B 103 -1.29 7.57 14.95
C THR B 103 -0.49 8.22 13.81
N LEU B 104 -1.14 8.35 12.65
CA LEU B 104 -0.59 9.07 11.51
C LEU B 104 -1.09 10.51 11.52
N LEU B 105 -0.15 11.45 11.54
CA LEU B 105 -0.47 12.87 11.45
C LEU B 105 -0.03 13.40 10.09
N THR B 106 -0.58 14.53 9.68
CA THR B 106 -0.18 15.12 8.42
C THR B 106 0.52 16.46 8.67
N GLU B 107 1.25 16.96 7.66
CA GLU B 107 1.92 18.25 7.81
C GLU B 107 1.91 19.03 6.51
N ALA B 108 2.00 20.35 6.64
CA ALA B 108 2.08 21.27 5.50
C ALA B 108 3.37 21.05 4.74
N PRO B 109 3.39 21.46 3.46
CA PRO B 109 4.63 21.53 2.71
C PRO B 109 5.55 22.55 3.41
N LEU B 110 6.84 22.26 3.44
CA LEU B 110 7.83 23.20 4.01
C LEU B 110 7.61 23.44 5.51
N ASN B 111 7.10 22.44 6.21
CA ASN B 111 6.93 22.49 7.64
C ASN B 111 8.31 22.50 8.31
N PRO B 112 8.56 23.49 9.17
CA PRO B 112 9.89 23.57 9.81
C PRO B 112 10.23 22.28 10.53
N LYS B 113 11.50 21.89 10.47
CA LYS B 113 11.98 20.68 11.10
C LYS B 113 11.64 20.62 12.57
N ALA B 114 11.71 21.76 13.26
CA ALA B 114 11.42 21.78 14.69
C ALA B 114 9.97 21.43 14.98
N ASN B 115 9.07 21.82 14.07
CA ASN B 115 7.65 21.50 14.21
C ASN B 115 7.38 20.01 14.15
N ARG B 116 8.07 19.31 13.25
CA ARG B 116 7.96 17.85 13.12
C ARG B 116 8.41 17.18 14.42
N GLU B 117 9.48 17.71 15.03
CA GLU B 117 9.95 17.19 16.32
C GLU B 117 8.95 17.44 17.42
N LYS B 118 8.36 18.62 17.45
CA LYS B 118 7.40 18.97 18.49
C LYS B 118 6.14 18.13 18.39
N MET B 119 5.63 17.93 17.17
CA MET B 119 4.51 16.99 16.97
C MET B 119 4.83 15.60 17.54
N THR B 120 6.03 15.09 17.20
CA THR B 120 6.51 13.76 17.66
C THR B 120 6.58 13.67 19.19
N GLN B 121 7.20 14.69 19.80
CA GLN B 121 7.34 14.75 21.25
C GLN B 121 5.98 14.76 21.98
N ILE B 122 5.09 15.66 21.53
CA ILE B 122 3.73 15.71 22.09
C ILE B 122 3.00 14.36 21.95
N MET B 123 3.04 13.76 20.77
CA MET B 123 2.38 12.46 20.60
C MET B 123 2.87 11.40 21.59
N PHE B 124 4.19 11.27 21.73
CA PHE B 124 4.74 10.20 22.57
C PHE B 124 4.70 10.55 24.05
N GLU B 125 4.96 11.82 24.36
CA GLU B 125 5.06 12.25 25.75
C GLU B 125 3.73 12.67 26.40
N THR B 126 2.91 13.41 25.66
CA THR B 126 1.61 13.81 26.16
C THR B 126 0.58 12.70 26.01
N PHE B 127 0.51 12.09 24.84
CA PHE B 127 -0.60 11.17 24.54
C PHE B 127 -0.20 9.71 24.66
N ASN B 128 1.07 9.47 24.92
CA ASN B 128 1.60 8.11 25.14
C ASN B 128 1.26 7.12 24.00
N VAL B 129 1.24 7.58 22.74
CA VAL B 129 0.99 6.68 21.59
C VAL B 129 2.06 5.59 21.49
N PRO B 130 1.67 4.39 21.05
CA PRO B 130 2.66 3.32 20.92
C PRO B 130 3.57 3.55 19.73
N ALA B 131 3.14 4.41 18.81
CA ALA B 131 3.81 4.60 17.53
C ALA B 131 3.15 5.78 16.81
N MET B 132 3.91 6.44 15.95
CA MET B 132 3.36 7.50 15.11
C MET B 132 4.22 7.74 13.86
N TYR B 133 3.68 8.59 12.99
CA TYR B 133 4.30 8.93 11.73
C TYR B 133 3.76 10.30 11.30
N VAL B 134 4.56 11.06 10.54
CA VAL B 134 4.10 12.35 10.00
C VAL B 134 4.31 12.32 8.49
N ALA B 135 3.22 12.51 7.74
CA ALA B 135 3.29 12.50 6.28
C ALA B 135 2.90 13.86 5.71
N ILE B 136 3.49 14.22 4.58
CA ILE B 136 3.15 15.48 3.90
C ILE B 136 1.77 15.37 3.27
N GLN B 137 0.91 16.37 3.52
CA GLN B 137 -0.50 16.33 3.08
C GLN B 137 -0.64 16.14 1.56
N ALA B 138 0.10 16.93 0.78
CA ALA B 138 0.00 16.81 -0.67
C ALA B 138 0.44 15.43 -1.19
N VAL B 139 1.44 14.80 -0.57
CA VAL B 139 1.89 13.48 -0.98
C VAL B 139 0.76 12.45 -0.75
N LEU B 140 0.09 12.54 0.40
CA LEU B 140 -1.09 11.72 0.70
C LEU B 140 -2.22 11.87 -0.33
N SER B 141 -2.56 13.11 -0.70
CA SER B 141 -3.58 13.32 -1.73
C SER B 141 -3.16 12.72 -3.07
N LEU B 142 -1.89 12.85 -3.41
CA LEU B 142 -1.37 12.21 -4.63
C LEU B 142 -1.54 10.68 -4.60
N TYR B 143 -1.15 10.05 -3.49
CA TYR B 143 -1.33 8.61 -3.29
C TYR B 143 -2.78 8.18 -3.48
N ALA B 144 -3.69 8.95 -2.88
CA ALA B 144 -5.11 8.70 -2.97
C ALA B 144 -5.62 8.72 -4.42
N SER B 145 -5.02 9.56 -5.26
CA SER B 145 -5.46 9.68 -6.66
C SER B 145 -4.96 8.53 -7.52
N GLY B 146 -4.07 7.69 -6.96
CA GLY B 146 -3.59 6.51 -7.66
C GLY B 146 -2.23 6.69 -8.31
N ARG B 147 -1.39 7.58 -7.75
CA ARG B 147 -0.10 7.96 -8.31
C ARG B 147 0.93 8.21 -7.24
N THR B 148 2.21 8.14 -7.61
CA THR B 148 3.29 8.56 -6.73
C THR B 148 4.12 9.69 -7.36
N THR B 149 3.77 10.08 -8.59
CA THR B 149 4.40 11.19 -9.31
C THR B 149 3.31 12.10 -9.91
N GLY B 150 3.46 13.41 -9.71
CA GLY B 150 2.50 14.38 -10.22
C GLY B 150 2.72 15.70 -9.49
N ILE B 151 1.91 16.71 -9.81
CA ILE B 151 1.95 17.96 -9.07
C ILE B 151 0.59 18.24 -8.46
N VAL B 152 0.60 18.53 -7.16
CA VAL B 152 -0.65 18.72 -6.43
C VAL B 152 -0.91 20.21 -6.23
N LEU B 153 -2.15 20.62 -6.52
CA LEU B 153 -2.65 21.91 -6.08
C LEU B 153 -3.55 21.61 -4.88
N ASP B 154 -3.13 22.03 -3.69
CA ASP B 154 -3.88 21.73 -2.46
C ASP B 154 -4.38 23.09 -1.98
N SER B 155 -5.70 23.26 -1.89
CA SER B 155 -6.27 24.53 -1.48
C SER B 155 -7.34 24.30 -0.42
N GLY B 156 -7.13 24.89 0.76
CA GLY B 156 -7.99 24.60 1.89
C GLY B 156 -8.72 25.84 2.36
N ASP B 157 -8.65 26.08 3.67
CA ASP B 157 -9.34 27.18 4.28
C ASP B 157 -8.40 28.38 4.42
N GLY B 158 -7.13 28.12 4.66
CA GLY B 158 -6.19 29.19 4.92
C GLY B 158 -5.00 29.34 3.97
N VAL B 159 -4.69 28.30 3.23
CA VAL B 159 -3.52 28.38 2.35
C VAL B 159 -3.71 27.51 1.11
N THR B 160 -3.01 27.89 0.04
CA THR B 160 -2.96 27.12 -1.19
C THR B 160 -1.50 26.84 -1.53
N HIS B 161 -1.20 25.58 -1.89
CA HIS B 161 0.16 25.23 -2.32
C HIS B 161 0.14 24.48 -3.65
N ASN B 162 1.22 24.64 -4.43
CA ASN B 162 1.59 23.67 -5.45
C ASN B 162 2.76 22.85 -4.96
N VAL B 163 2.63 21.53 -5.01
CA VAL B 163 3.67 20.63 -4.56
C VAL B 163 3.95 19.58 -5.65
N PRO B 164 5.09 19.72 -6.35
CA PRO B 164 5.52 18.72 -7.30
C PRO B 164 6.23 17.57 -6.59
N ILE B 165 5.89 16.35 -6.99
CA ILE B 165 6.30 15.15 -6.27
C ILE B 165 6.78 14.12 -7.27
N TYR B 166 7.95 13.54 -6.99
CA TYR B 166 8.47 12.49 -7.86
C TYR B 166 8.69 11.24 -7.02
N GLU B 167 7.94 10.19 -7.33
CA GLU B 167 8.00 8.91 -6.60
C GLU B 167 7.92 9.10 -5.08
N GLY B 168 6.90 9.85 -4.66
CA GLY B 168 6.62 10.07 -3.25
C GLY B 168 7.47 11.13 -2.58
N TYR B 169 8.43 11.68 -3.32
CA TYR B 169 9.26 12.76 -2.77
C TYR B 169 8.87 14.16 -3.30
N ALA B 170 8.41 15.01 -2.38
CA ALA B 170 8.12 16.40 -2.66
C ALA B 170 9.42 17.14 -2.97
N LEU B 171 9.41 17.93 -4.04
CA LEU B 171 10.59 18.69 -4.45
C LEU B 171 10.53 20.09 -3.84
N PRO B 172 11.24 20.31 -2.72
CA PRO B 172 11.02 21.50 -1.87
C PRO B 172 11.32 22.84 -2.56
N HIS B 173 12.32 22.85 -3.45
CA HIS B 173 12.72 24.05 -4.17
C HIS B 173 11.65 24.58 -5.12
N ALA B 174 10.72 23.70 -5.54
CA ALA B 174 9.70 24.08 -6.52
C ALA B 174 8.32 24.27 -5.89
N ILE B 175 8.22 24.12 -4.56
CA ILE B 175 6.94 24.29 -3.86
C ILE B 175 6.55 25.76 -3.93
N MET B 176 5.30 26.02 -4.26
CA MET B 176 4.75 27.39 -4.28
C MET B 176 3.67 27.49 -3.20
N ARG B 177 3.65 28.62 -2.50
CA ARG B 177 2.64 28.87 -1.47
C ARG B 177 1.89 30.15 -1.81
N LEU B 178 0.56 30.05 -1.90
CA LEU B 178 -0.32 31.21 -2.09
C LEU B 178 -1.21 31.39 -0.84
N ASP B 179 -1.12 32.55 -0.20
CA ASP B 179 -1.89 32.81 1.01
C ASP B 179 -3.26 33.38 0.71
N LEU B 180 -4.02 32.58 -0.02
CA LEU B 180 -5.38 32.87 -0.40
C LEU B 180 -6.03 31.50 -0.47
N ALA B 181 -7.13 31.34 0.27
CA ALA B 181 -7.89 30.10 0.17
C ALA B 181 -9.33 30.33 0.61
N GLY B 182 -9.98 29.30 1.14
CA GLY B 182 -11.42 29.29 1.37
C GLY B 182 -11.97 30.39 2.25
N ARG B 183 -11.27 30.69 3.34
CA ARG B 183 -11.74 31.77 4.22
C ARG B 183 -11.72 33.14 3.54
N ASP B 184 -10.73 33.37 2.68
CA ASP B 184 -10.64 34.59 1.91
C ASP B 184 -11.78 34.69 0.92
N LEU B 185 -12.14 33.55 0.30
CA LEU B 185 -13.23 33.49 -0.66
C LEU B 185 -14.57 33.73 0.02
N THR B 186 -14.73 33.17 1.22
CA THR B 186 -15.92 33.46 1.99
C THR B 186 -16.03 34.96 2.29
N ASP B 187 -14.93 35.56 2.75
CA ASP B 187 -14.91 36.99 3.07
C ASP B 187 -15.22 37.84 1.84
N TYR B 188 -14.65 37.46 0.70
CA TYR B 188 -14.90 38.15 -0.57
C TYR B 188 -16.37 38.06 -1.04
N LEU B 189 -16.97 36.88 -0.93
CA LEU B 189 -18.38 36.69 -1.28
C LEU B 189 -19.28 37.56 -0.37
N MET B 190 -18.93 37.66 0.92
CA MET B 190 -19.65 38.55 1.84
C MET B 190 -19.59 40.01 1.36
N LYS B 191 -18.39 40.45 0.96
CA LYS B 191 -18.14 41.80 0.46
C LYS B 191 -18.97 42.08 -0.80
N ILE B 192 -18.92 41.19 -1.78
CA ILE B 192 -19.57 41.46 -3.07
C ILE B 192 -21.10 41.33 -2.99
N LEU B 193 -21.59 40.47 -2.08
CA LEU B 193 -23.04 40.38 -1.85
C LEU B 193 -23.51 41.61 -1.08
N THR B 194 -22.63 42.17 -0.26
CA THR B 194 -22.94 43.43 0.44
C THR B 194 -22.99 44.60 -0.57
N GLU B 195 -22.06 44.61 -1.52
CA GLU B 195 -22.06 45.60 -2.61
C GLU B 195 -23.29 45.51 -3.50
N ARG B 196 -23.81 44.29 -3.69
CA ARG B 196 -25.03 44.05 -4.45
C ARG B 196 -26.25 44.74 -3.80
N GLY B 197 -26.18 44.92 -2.49
CA GLY B 197 -27.25 45.58 -1.74
C GLY B 197 -27.75 44.77 -0.56
N TYR B 198 -27.19 43.58 -0.35
CA TYR B 198 -27.47 42.81 0.86
C TYR B 198 -26.60 43.31 2.01
N SER B 199 -26.76 42.71 3.18
CA SER B 199 -25.89 43.04 4.30
C SER B 199 -25.38 41.76 4.96
N PHE B 200 -24.13 41.40 4.64
CA PHE B 200 -23.48 40.24 5.26
C PHE B 200 -22.22 40.73 5.94
N VAL B 201 -22.25 40.78 7.27
CA VAL B 201 -21.20 41.44 8.05
C VAL B 201 -20.84 40.68 9.33
N THR B 202 -21.85 40.15 10.01
CA THR B 202 -21.66 39.46 11.30
C THR B 202 -21.08 38.05 11.14
N THR B 203 -20.63 37.48 12.25
CA THR B 203 -20.16 36.10 12.26
C THR B 203 -21.25 35.10 11.81
N ALA B 204 -22.49 35.30 12.26
CA ALA B 204 -23.62 34.46 11.84
C ALA B 204 -23.90 34.61 10.34
N GLU B 205 -23.74 35.83 9.85
CA GLU B 205 -23.88 36.09 8.43
C GLU B 205 -22.72 35.47 7.63
N ARG B 206 -21.55 35.37 8.25
CA ARG B 206 -20.40 34.70 7.61
C ARG B 206 -20.69 33.20 7.39
N GLU B 207 -21.34 32.55 8.36
CA GLU B 207 -21.69 31.13 8.21
C GLU B 207 -22.70 30.92 7.08
N ILE B 208 -23.63 31.88 6.93
CA ILE B 208 -24.60 31.81 5.84
C ILE B 208 -23.87 31.91 4.50
N VAL B 209 -22.99 32.89 4.39
CA VAL B 209 -22.24 33.10 3.15
C VAL B 209 -21.35 31.90 2.82
N ARG B 210 -20.71 31.31 3.84
CA ARG B 210 -19.95 30.08 3.62
C ARG B 210 -20.84 29.03 2.95
N ASP B 211 -22.07 28.90 3.42
CA ASP B 211 -23.01 27.90 2.89
C ASP B 211 -23.40 28.23 1.46
N ILE B 212 -23.67 29.52 1.19
CA ILE B 212 -23.92 29.98 -0.17
C ILE B 212 -22.74 29.59 -1.07
N LYS B 213 -21.52 29.93 -0.62
CA LYS B 213 -20.30 29.63 -1.37
C LYS B 213 -20.21 28.13 -1.72
N GLU B 214 -20.42 27.29 -0.71
CA GLU B 214 -20.28 25.84 -0.89
C GLU B 214 -21.37 25.22 -1.76
N LYS B 215 -22.53 25.86 -1.80
CA LYS B 215 -23.68 25.33 -2.54
C LYS B 215 -23.82 25.86 -3.96
N LEU B 216 -23.51 27.14 -4.17
CA LEU B 216 -23.89 27.82 -5.43
C LEU B 216 -22.77 28.35 -6.32
N CYS B 217 -21.56 28.48 -5.79
CA CYS B 217 -20.44 29.02 -6.57
C CYS B 217 -19.86 28.01 -7.58
N TYR B 218 -19.29 28.53 -8.65
CA TYR B 218 -18.62 27.70 -9.66
C TYR B 218 -17.54 28.51 -10.35
N VAL B 219 -16.66 27.84 -11.07
CA VAL B 219 -15.60 28.52 -11.81
C VAL B 219 -16.03 28.57 -13.27
N ALA B 220 -16.13 29.78 -13.82
CA ALA B 220 -16.52 29.97 -15.23
C ALA B 220 -15.39 29.54 -16.14
N LEU B 221 -15.72 28.92 -17.27
CA LEU B 221 -14.67 28.49 -18.18
C LEU B 221 -14.01 29.69 -18.88
N ASP B 222 -14.84 30.67 -19.26
CA ASP B 222 -14.36 31.95 -19.79
C ASP B 222 -14.99 33.03 -18.94
N PHE B 223 -14.19 33.67 -18.09
CA PHE B 223 -14.74 34.59 -17.10
C PHE B 223 -15.44 35.80 -17.75
N GLU B 224 -14.76 36.44 -18.70
CA GLU B 224 -15.34 37.62 -19.36
C GLU B 224 -16.64 37.29 -20.07
N ASN B 225 -16.71 36.16 -20.79
CA ASN B 225 -17.97 35.74 -21.40
C ASN B 225 -19.07 35.53 -20.39
N GLU B 226 -18.71 34.99 -19.23
CA GLU B 226 -19.70 34.67 -18.21
C GLU B 226 -20.26 35.96 -17.61
N MET B 227 -19.37 36.93 -17.36
CA MET B 227 -19.80 38.26 -16.89
C MET B 227 -20.77 38.92 -17.89
N ALA B 228 -20.48 38.77 -19.18
CA ALA B 228 -21.38 39.28 -20.24
C ALA B 228 -22.73 38.60 -20.19
N THR B 229 -22.74 37.28 -20.05
CA THR B 229 -23.98 36.51 -19.90
C THR B 229 -24.78 36.95 -18.69
N ALA B 230 -24.11 37.08 -17.55
CA ALA B 230 -24.77 37.55 -16.33
C ALA B 230 -25.38 38.96 -16.47
N ALA B 231 -24.76 39.80 -17.29
CA ALA B 231 -25.23 41.17 -17.50
C ALA B 231 -26.47 41.24 -18.41
N SER B 232 -26.63 40.26 -19.30
CA SER B 232 -27.66 40.33 -20.33
C SER B 232 -28.95 39.58 -19.99
N SER B 233 -28.86 38.57 -19.11
CA SER B 233 -30.04 37.78 -18.72
C SER B 233 -29.90 37.23 -17.30
N SER B 234 -31.01 36.73 -16.75
CA SER B 234 -30.99 36.08 -15.43
C SER B 234 -30.70 34.56 -15.49
N SER B 235 -30.22 34.09 -16.64
CA SER B 235 -29.94 32.66 -16.86
C SER B 235 -28.99 32.02 -15.84
N LEU B 236 -28.10 32.81 -15.26
CA LEU B 236 -27.11 32.28 -14.32
C LEU B 236 -27.52 32.45 -12.84
N GLU B 237 -28.66 33.08 -12.62
CA GLU B 237 -29.09 33.45 -11.27
C GLU B 237 -29.65 32.25 -10.51
N LYS B 238 -29.41 32.24 -9.21
CA LYS B 238 -29.91 31.20 -8.31
C LYS B 238 -30.51 31.84 -7.08
N SER B 239 -31.64 31.31 -6.64
CA SER B 239 -32.23 31.76 -5.38
C SER B 239 -31.62 31.00 -4.20
N TYR B 240 -31.51 31.68 -3.07
CA TYR B 240 -31.07 31.09 -1.81
C TYR B 240 -31.95 31.59 -0.67
N GLU B 241 -32.53 30.65 0.07
CA GLU B 241 -33.33 30.97 1.26
C GLU B 241 -32.44 31.14 2.51
N LEU B 242 -32.51 32.32 3.11
CA LEU B 242 -31.81 32.62 4.37
C LEU B 242 -32.55 31.97 5.56
N PRO B 243 -31.84 31.71 6.68
CA PRO B 243 -32.44 31.07 7.88
C PRO B 243 -33.85 31.59 8.28
N ASP B 244 -34.07 32.90 8.17
CA ASP B 244 -35.35 33.53 8.53
C ASP B 244 -36.43 33.46 7.43
N GLY B 245 -36.13 32.75 6.33
CA GLY B 245 -37.11 32.55 5.26
C GLY B 245 -37.02 33.46 4.05
N GLN B 246 -36.36 34.62 4.20
CA GLN B 246 -36.14 35.55 3.10
C GLN B 246 -35.30 34.92 1.97
N VAL B 247 -35.81 35.00 0.74
CA VAL B 247 -35.14 34.41 -0.42
C VAL B 247 -34.36 35.48 -1.22
N ILE B 248 -33.05 35.26 -1.37
CA ILE B 248 -32.18 36.21 -2.06
C ILE B 248 -31.68 35.64 -3.38
N THR B 249 -31.16 36.51 -4.24
CA THR B 249 -30.66 36.11 -5.55
C THR B 249 -29.14 36.17 -5.55
N ILE B 250 -28.51 35.13 -6.07
CA ILE B 250 -27.06 35.12 -6.28
C ILE B 250 -26.84 35.03 -7.79
N GLY B 251 -26.15 36.03 -8.32
CA GLY B 251 -25.93 36.13 -9.76
C GLY B 251 -24.49 35.93 -10.13
N ASN B 252 -23.85 37.00 -10.62
CA ASN B 252 -22.45 36.89 -11.02
C ASN B 252 -21.51 36.60 -9.85
N GLU B 253 -21.98 36.86 -8.64
CA GLU B 253 -21.21 36.53 -7.44
C GLU B 253 -20.87 35.03 -7.40
N ARG B 254 -21.72 34.19 -8.01
CA ARG B 254 -21.49 32.74 -8.11
C ARG B 254 -20.12 32.36 -8.66
N PHE B 255 -19.68 33.04 -9.72
CA PHE B 255 -18.41 32.71 -10.36
C PHE B 255 -17.32 33.73 -10.08
N ARG B 256 -17.70 34.96 -9.71
CA ARG B 256 -16.73 36.01 -9.34
C ARG B 256 -15.99 35.63 -8.06
N CYS B 257 -16.69 34.94 -7.16
CA CYS B 257 -16.05 34.54 -5.90
C CYS B 257 -14.82 33.62 -6.14
N PRO B 258 -15.00 32.42 -6.74
CA PRO B 258 -13.79 31.59 -7.00
C PRO B 258 -12.84 32.10 -8.11
N GLU B 259 -13.30 33.07 -8.90
CA GLU B 259 -12.40 33.67 -9.90
C GLU B 259 -11.17 34.29 -9.22
N THR B 260 -11.34 34.70 -7.97
CA THR B 260 -10.27 35.22 -7.14
C THR B 260 -9.04 34.29 -7.15
N LEU B 261 -9.27 32.98 -7.20
CA LEU B 261 -8.17 32.00 -7.22
C LEU B 261 -7.26 32.22 -8.43
N PHE B 262 -7.87 32.55 -9.57
CA PHE B 262 -7.10 32.79 -10.81
C PHE B 262 -6.68 34.24 -10.92
N GLN B 263 -7.36 35.11 -10.18
CA GLN B 263 -7.08 36.56 -10.20
C GLN B 263 -7.02 37.12 -8.78
N PRO B 264 -5.92 36.88 -8.06
CA PRO B 264 -5.82 37.34 -6.66
C PRO B 264 -5.95 38.86 -6.48
N SER B 265 -5.80 39.63 -7.56
CA SER B 265 -5.97 41.08 -7.46
C SER B 265 -7.40 41.47 -7.04
N PHE B 266 -8.36 40.56 -7.20
CA PHE B 266 -9.74 40.78 -6.73
C PHE B 266 -9.81 41.09 -5.24
N ILE B 267 -8.89 40.52 -4.46
CA ILE B 267 -8.84 40.78 -3.02
C ILE B 267 -7.60 41.58 -2.65
N GLY B 268 -7.01 42.25 -3.66
CA GLY B 268 -5.93 43.19 -3.42
C GLY B 268 -4.56 42.55 -3.32
N MET B 269 -4.45 41.30 -3.75
CA MET B 269 -3.16 40.61 -3.72
C MET B 269 -2.47 40.73 -5.08
N GLU B 270 -1.17 41.02 -5.05
CA GLU B 270 -0.40 41.16 -6.29
C GLU B 270 -0.02 39.80 -6.89
N SER B 271 -0.32 38.73 -6.16
CA SER B 271 0.14 37.37 -6.47
C SER B 271 -0.36 36.79 -7.80
N ALA B 272 0.41 35.84 -8.33
CA ALA B 272 -0.04 35.03 -9.46
C ALA B 272 -1.20 34.15 -9.00
N GLY B 273 -2.12 33.86 -9.92
CA GLY B 273 -3.26 32.97 -9.68
C GLY B 273 -2.83 31.50 -9.72
N ILE B 274 -3.75 30.61 -9.38
CA ILE B 274 -3.39 29.18 -9.21
C ILE B 274 -2.90 28.47 -10.49
N HIS B 275 -3.32 28.95 -11.66
CA HIS B 275 -2.80 28.44 -12.93
C HIS B 275 -1.33 28.83 -13.11
N GLU B 276 -0.99 30.05 -12.71
CA GLU B 276 0.37 30.55 -12.89
C GLU B 276 1.31 29.95 -11.85
N THR B 277 0.83 29.76 -10.62
CA THR B 277 1.66 29.11 -9.60
C THR B 277 1.94 27.65 -9.99
N THR B 278 0.94 26.97 -10.56
CA THR B 278 1.10 25.59 -11.06
C THR B 278 2.19 25.55 -12.15
N TYR B 279 2.03 26.40 -13.15
CA TYR B 279 3.03 26.52 -14.21
C TYR B 279 4.42 26.86 -13.65
N ASN B 280 4.51 27.89 -12.80
CA ASN B 280 5.80 28.28 -12.22
C ASN B 280 6.46 27.19 -11.38
N SER B 281 5.63 26.42 -10.68
CA SER B 281 6.13 25.29 -9.89
C SER B 281 6.78 24.28 -10.82
N ILE B 282 6.05 23.89 -11.86
CA ILE B 282 6.54 22.93 -12.86
C ILE B 282 7.88 23.40 -13.46
N MET B 283 7.96 24.70 -13.77
CA MET B 283 9.15 25.28 -14.40
C MET B 283 10.35 25.35 -13.46
N LYS B 284 10.11 25.25 -12.15
CA LYS B 284 11.22 25.20 -11.19
C LYS B 284 11.80 23.79 -11.07
N CYS B 285 11.08 22.81 -11.63
CA CYS B 285 11.54 21.42 -11.63
C CYS B 285 12.46 21.13 -12.82
N ASP B 286 13.29 20.10 -12.67
CA ASP B 286 14.19 19.67 -13.74
C ASP B 286 13.40 19.38 -15.01
N ILE B 287 13.94 19.81 -16.14
CA ILE B 287 13.24 19.72 -17.41
C ILE B 287 12.76 18.29 -17.77
N ASP B 288 13.53 17.29 -17.38
CA ASP B 288 13.20 15.90 -17.69
C ASP B 288 11.95 15.38 -16.98
N ILE B 289 11.58 16.02 -15.87
CA ILE B 289 10.39 15.55 -15.14
C ILE B 289 9.12 16.34 -15.43
N ARG B 290 9.26 17.50 -16.10
CA ARG B 290 8.10 18.38 -16.35
C ARG B 290 6.94 17.71 -17.08
N LYS B 291 7.26 16.83 -18.01
CA LYS B 291 6.27 16.10 -18.79
C LYS B 291 5.33 15.30 -17.91
N ASP B 292 5.90 14.59 -16.94
CA ASP B 292 5.14 13.80 -16.00
C ASP B 292 4.24 14.67 -15.12
N LEU B 293 4.74 15.84 -14.75
CA LEU B 293 3.97 16.77 -13.91
C LEU B 293 2.76 17.33 -14.65
N TYR B 294 2.96 17.85 -15.86
CA TYR B 294 1.81 18.31 -16.69
C TYR B 294 0.76 17.24 -16.87
N ALA B 295 1.17 15.98 -16.99
CA ALA B 295 0.23 14.89 -17.26
C ALA B 295 -0.48 14.38 -16.00
N ASN B 296 -0.08 14.89 -14.85
CA ASN B 296 -0.58 14.41 -13.56
C ASN B 296 -0.80 15.53 -12.55
N ASN B 297 -1.64 16.50 -12.91
CA ASN B 297 -1.94 17.62 -12.03
C ASN B 297 -3.18 17.24 -11.22
N VAL B 298 -3.00 17.01 -9.92
CA VAL B 298 -4.07 16.51 -9.07
C VAL B 298 -4.54 17.65 -8.17
N MET B 299 -5.85 17.86 -8.12
CA MET B 299 -6.41 18.87 -7.21
C MET B 299 -6.86 18.24 -5.89
N SER B 300 -6.64 18.97 -4.80
CA SER B 300 -6.89 18.46 -3.46
C SER B 300 -7.41 19.59 -2.58
N GLY B 301 -8.29 19.26 -1.64
CA GLY B 301 -8.76 20.21 -0.62
C GLY B 301 -10.09 20.85 -0.93
N GLY B 302 -10.73 21.39 0.11
CA GLY B 302 -12.09 21.93 0.02
C GLY B 302 -12.26 23.06 -1.00
N THR B 303 -11.23 23.87 -1.18
CA THR B 303 -11.35 25.02 -2.08
C THR B 303 -11.08 24.65 -3.55
N THR B 304 -10.74 23.38 -3.80
CA THR B 304 -10.75 22.90 -5.18
C THR B 304 -12.10 22.29 -5.56
N MET B 305 -13.12 22.41 -4.70
CA MET B 305 -14.40 21.70 -4.92
C MET B 305 -15.37 22.33 -5.94
N TYR B 306 -15.06 23.55 -6.38
CA TYR B 306 -15.91 24.29 -7.33
C TYR B 306 -16.13 23.55 -8.64
N PRO B 307 -17.40 23.34 -9.02
CA PRO B 307 -17.68 22.85 -10.37
C PRO B 307 -16.99 23.76 -11.39
N GLY B 308 -16.42 23.18 -12.43
CA GLY B 308 -15.72 23.97 -13.46
C GLY B 308 -14.22 24.18 -13.23
N ILE B 309 -13.73 23.96 -12.01
CA ILE B 309 -12.33 24.26 -11.71
C ILE B 309 -11.34 23.46 -12.55
N ALA B 310 -11.63 22.18 -12.77
CA ALA B 310 -10.75 21.30 -13.54
C ALA B 310 -10.70 21.72 -15.01
N ASP B 311 -11.88 21.91 -15.60
CA ASP B 311 -12.00 22.42 -16.97
C ASP B 311 -11.24 23.73 -17.18
N ARG B 312 -11.39 24.66 -16.23
CA ARG B 312 -10.70 25.95 -16.30
C ARG B 312 -9.19 25.82 -16.13
N MET B 313 -8.73 24.99 -15.20
CA MET B 313 -7.30 24.76 -15.06
C MET B 313 -6.69 24.17 -16.34
N GLN B 314 -7.40 23.21 -16.94
CA GLN B 314 -6.92 22.54 -18.18
C GLN B 314 -6.66 23.58 -19.28
N LYS B 315 -7.64 24.45 -19.47
CA LYS B 315 -7.56 25.56 -20.42
C LYS B 315 -6.40 26.54 -20.11
N GLU B 316 -6.28 26.94 -18.84
CA GLU B 316 -5.24 27.92 -18.47
C GLU B 316 -3.84 27.33 -18.61
N ILE B 317 -3.65 26.10 -18.15
CA ILE B 317 -2.35 25.43 -18.26
C ILE B 317 -1.95 25.20 -19.73
N THR B 318 -2.91 24.82 -20.55
CA THR B 318 -2.70 24.66 -22.00
C THR B 318 -2.16 25.95 -22.62
N ALA B 319 -2.80 27.07 -22.31
CA ALA B 319 -2.37 28.39 -22.77
C ALA B 319 -0.92 28.71 -22.38
N LEU B 320 -0.46 28.15 -21.27
CA LEU B 320 0.87 28.49 -20.74
C LEU B 320 1.96 27.51 -21.16
N ALA B 321 1.56 26.26 -21.39
CA ALA B 321 2.49 25.14 -21.63
C ALA B 321 2.93 25.06 -23.10
N PRO B 322 4.05 24.37 -23.38
CA PRO B 322 4.38 24.05 -24.78
C PRO B 322 3.21 23.47 -25.56
N SER B 323 3.07 23.85 -26.82
CA SER B 323 1.91 23.47 -27.67
C SER B 323 1.70 21.97 -27.77
N THR B 324 2.79 21.21 -27.69
CA THR B 324 2.77 19.76 -27.87
C THR B 324 2.52 18.97 -26.57
N MET B 325 2.41 19.69 -25.45
CA MET B 325 2.38 19.08 -24.11
C MET B 325 1.02 18.44 -23.79
N LYS B 326 1.04 17.17 -23.37
CA LYS B 326 -0.17 16.50 -22.90
C LYS B 326 -0.43 16.95 -21.46
N ILE B 327 -1.64 17.45 -21.24
CA ILE B 327 -2.04 18.04 -19.95
C ILE B 327 -3.24 17.30 -19.41
N LYS B 328 -3.17 16.88 -18.14
CA LYS B 328 -4.31 16.23 -17.53
C LYS B 328 -4.50 16.78 -16.13
N ILE B 329 -5.72 17.17 -15.84
CA ILE B 329 -6.08 17.66 -14.52
C ILE B 329 -6.94 16.58 -13.90
N ILE B 330 -6.52 16.12 -12.73
CA ILE B 330 -7.27 15.09 -12.03
C ILE B 330 -7.93 15.71 -10.81
N ALA B 331 -9.26 15.67 -10.78
CA ALA B 331 -10.02 16.22 -9.66
C ALA B 331 -11.02 15.20 -9.16
N PRO B 332 -10.57 14.32 -8.23
CA PRO B 332 -11.43 13.24 -7.75
C PRO B 332 -12.65 13.81 -7.01
N PRO B 333 -13.83 13.18 -7.16
CA PRO B 333 -15.00 13.63 -6.42
C PRO B 333 -14.80 13.75 -4.90
N GLU B 334 -13.94 12.90 -4.34
CA GLU B 334 -13.76 12.89 -2.88
C GLU B 334 -12.64 13.84 -2.39
N ARG B 335 -12.21 14.77 -3.26
CA ARG B 335 -10.97 15.51 -3.01
C ARG B 335 -10.97 16.46 -1.78
N LYS B 336 -12.15 16.75 -1.22
CA LYS B 336 -12.17 17.55 0.02
C LYS B 336 -11.59 16.76 1.20
N TYR B 337 -11.49 15.44 1.03
CA TYR B 337 -10.93 14.54 2.07
C TYR B 337 -9.78 13.68 1.55
N SER B 338 -9.24 14.02 0.38
CA SER B 338 -8.22 13.16 -0.23
C SER B 338 -6.93 13.08 0.62
N VAL B 339 -6.58 14.14 1.36
CA VAL B 339 -5.40 14.03 2.25
C VAL B 339 -5.69 12.92 3.24
N TRP B 340 -6.87 13.00 3.85
CA TRP B 340 -7.26 12.02 4.87
C TRP B 340 -7.30 10.60 4.28
N ILE B 341 -7.90 10.48 3.09
CA ILE B 341 -8.05 9.17 2.43
C ILE B 341 -6.67 8.58 2.12
N GLY B 342 -5.75 9.40 1.63
CA GLY B 342 -4.36 8.98 1.40
C GLY B 342 -3.70 8.48 2.68
N GLY B 343 -3.91 9.19 3.78
CA GLY B 343 -3.41 8.73 5.08
C GLY B 343 -4.01 7.38 5.46
N SER B 344 -5.30 7.20 5.20
CA SER B 344 -6.01 5.97 5.55
C SER B 344 -5.46 4.78 4.76
N ILE B 345 -5.20 5.01 3.48
CA ILE B 345 -4.56 4.03 2.60
C ILE B 345 -3.18 3.68 3.14
N LEU B 346 -2.38 4.70 3.43
CA LEU B 346 -0.99 4.45 3.85
C LEU B 346 -0.93 3.73 5.19
N ALA B 347 -1.71 4.21 6.15
CA ALA B 347 -1.68 3.69 7.52
C ALA B 347 -2.27 2.29 7.63
N SER B 348 -3.13 1.92 6.69
CA SER B 348 -3.69 0.55 6.68
C SER B 348 -2.93 -0.43 5.76
N LEU B 349 -1.91 0.05 5.06
CA LEU B 349 -1.10 -0.79 4.16
C LEU B 349 -0.15 -1.70 4.95
N SER B 350 -0.09 -2.96 4.58
CA SER B 350 0.74 -3.95 5.31
C SER B 350 2.18 -3.49 5.48
N THR B 351 2.79 -3.03 4.40
CA THR B 351 4.21 -2.67 4.40
C THR B 351 4.52 -1.52 5.34
N PHE B 352 3.52 -0.68 5.56
CA PHE B 352 3.70 0.52 6.35
C PHE B 352 3.94 0.20 7.81
N GLN B 353 3.64 -1.02 8.22
CA GLN B 353 3.73 -1.37 9.63
C GLN B 353 5.16 -1.32 10.17
N GLN B 354 6.14 -1.41 9.27
CA GLN B 354 7.54 -1.26 9.63
C GLN B 354 8.02 0.19 9.60
N MET B 355 7.19 1.10 9.07
CA MET B 355 7.57 2.49 8.86
C MET B 355 7.32 3.37 10.08
N TRP B 356 6.43 2.94 10.97
CA TRP B 356 6.12 3.73 12.15
C TRP B 356 7.35 4.01 13.00
N ILE B 357 7.38 5.18 13.63
CA ILE B 357 8.30 5.44 14.73
C ILE B 357 7.65 4.76 15.92
N THR B 358 8.38 3.85 16.58
CA THR B 358 7.84 3.19 17.77
C THR B 358 8.21 3.96 19.03
N LYS B 359 7.47 3.68 20.11
CA LYS B 359 7.76 4.25 21.43
C LYS B 359 9.19 3.90 21.85
N GLN B 360 9.59 2.66 21.60
CA GLN B 360 10.96 2.20 21.86
C GLN B 360 11.99 3.08 21.17
N GLU B 361 11.82 3.28 19.86
CA GLU B 361 12.74 4.11 19.07
C GLU B 361 12.81 5.55 19.57
N TYR B 362 11.66 6.09 19.98
CA TYR B 362 11.62 7.44 20.53
C TYR B 362 12.37 7.54 21.87
N ASP B 363 12.22 6.52 22.72
CA ASP B 363 12.89 6.51 24.02
C ASP B 363 14.41 6.45 23.84
N GLU B 364 14.85 5.74 22.81
CA GLU B 364 16.26 5.61 22.48
C GLU B 364 16.83 6.84 21.80
N ALA B 365 16.06 7.48 20.95
CA ALA B 365 16.61 8.55 20.10
C ALA B 365 16.07 9.96 20.33
N GLY B 366 14.91 10.09 20.97
CA GLY B 366 14.29 11.42 21.13
C GLY B 366 13.59 11.88 19.84
N PRO B 367 12.98 13.08 19.87
CA PRO B 367 12.14 13.61 18.78
C PRO B 367 12.84 13.74 17.42
N SER B 368 14.16 13.87 17.41
CA SER B 368 14.90 14.04 16.16
C SER B 368 14.86 12.79 15.29
N ILE B 369 14.40 11.66 15.85
CA ILE B 369 14.15 10.44 15.07
C ILE B 369 13.20 10.68 13.87
N VAL B 370 12.33 11.67 13.98
CA VAL B 370 11.33 11.94 12.92
C VAL B 370 11.98 12.23 11.54
N HIS B 371 13.15 12.87 11.54
CA HIS B 371 13.79 13.24 10.27
C HIS B 371 14.33 12.02 9.52
N ARG B 372 14.80 11.03 10.27
CA ARG B 372 15.28 9.77 9.71
C ARG B 372 14.12 8.86 9.26
N LYS B 373 13.06 8.80 10.04
CA LYS B 373 11.99 7.82 9.82
C LYS B 373 10.88 8.27 8.85
N CYS B 374 10.66 9.59 8.78
CA CYS B 374 9.60 10.19 7.96
C CYS B 374 10.23 11.14 6.93
N PHE B 375 10.68 10.58 5.81
CA PHE B 375 11.47 11.32 4.82
C PHE B 375 12.83 10.65 4.57
SR SR C . 6.92 -20.36 -5.02
SR SR D . -3.60 -10.98 -29.91
SR SR D . -2.99 -13.43 -30.60
SR SR E . 22.24 -29.41 17.47
N1 SPD F . 1.94 -4.70 12.27
C2 SPD F . 1.82 -5.85 11.41
C3 SPD F . 3.11 -6.02 10.60
C4 SPD F . 4.32 -5.92 11.50
C5 SPD F . 5.62 -5.87 10.71
N6 SPD F . 6.37 -4.64 10.86
C7 SPD F . 6.78 -4.45 12.24
C8 SPD F . 8.24 -4.03 12.37
C9 SPD F . 9.14 -5.09 11.76
N10 SPD F . 10.51 -4.68 11.79
PG ATP G . 8.58 -23.47 -5.61
O1G ATP G . 9.55 -24.55 -5.17
O2G ATP G . 8.44 -22.34 -4.64
O3G ATP G . 8.68 -23.20 -7.09
PB ATP G . 5.68 -23.83 -5.21
O1B ATP G . 5.59 -22.36 -5.31
O2B ATP G . 4.82 -24.76 -5.99
O3B ATP G . 7.19 -24.32 -5.52
PA ATP G . 4.53 -23.78 -2.52
O1A ATP G . 5.10 -22.63 -1.75
O2A ATP G . 3.18 -23.59 -3.15
O3A ATP G . 5.56 -24.27 -3.66
O5' ATP G . 4.49 -25.08 -1.56
C5' ATP G . 4.09 -26.37 -2.07
C4' ATP G . 4.72 -27.45 -1.18
O4' ATP G . 4.35 -27.16 0.16
C3' ATP G . 4.26 -28.86 -1.47
O3' ATP G . 5.44 -29.67 -1.32
C2' ATP G . 3.30 -29.18 -0.34
O2' ATP G . 3.25 -30.57 -0.02
C1' ATP G . 3.92 -28.37 0.79
N9 ATP G . 2.95 -28.03 1.83
C8 ATP G . 1.80 -27.36 1.67
N7 ATP G . 1.16 -27.21 2.85
C5 ATP G . 1.93 -27.80 3.78
C6 ATP G . 1.83 -28.01 5.23
N6 ATP G . 0.76 -27.54 5.94
N1 ATP G . 2.84 -28.67 5.83
C2 ATP G . 3.92 -29.13 5.16
N3 ATP G . 4.07 -28.98 3.82
C4 ATP G . 3.11 -28.33 3.11
C1 EDO H . 10.82 -16.94 17.31
O1 EDO H . 11.06 -15.54 17.07
C2 EDO H . 9.34 -17.21 17.49
O2 EDO H . 8.68 -16.95 16.24
C1 EDO I . -5.66 -8.11 0.07
O1 EDO I . -5.73 -6.92 0.86
C2 EDO I . -4.95 -9.19 0.86
O2 EDO I . -5.60 -9.40 2.11
C1 EDO J . 17.86 -39.99 9.59
O1 EDO J . 17.13 -40.47 8.44
C2 EDO J . 16.88 -39.72 10.73
O2 EDO J . 16.45 -40.97 11.28
C1 EDO K . 17.80 -43.68 9.27
O1 EDO K . 16.68 -43.05 8.63
C2 EDO K . 17.42 -45.12 9.53
O2 EDO K . 16.98 -45.67 8.29
C1 EDO L . -0.20 -47.59 2.83
O1 EDO L . -0.57 -48.00 1.50
C2 EDO L . 0.02 -48.79 3.74
O2 EDO L . 0.95 -49.71 3.13
C1 EDO M . -9.10 -24.95 -5.57
O1 EDO M . -8.49 -24.64 -6.83
C2 EDO M . -8.05 -25.35 -4.52
O2 EDO M . -7.40 -26.58 -4.88
C1 EDO N . 8.06 -5.35 -5.71
O1 EDO N . 7.26 -4.69 -6.69
C2 EDO N . 8.31 -6.80 -6.09
O2 EDO N . 9.10 -6.92 -7.27
O1 211 O . 4.76 -0.47 -0.81
O2 211 O . 9.23 0.49 -4.68
C1 211 O . 7.20 -0.20 -0.79
C2 211 O . 5.83 0.43 -1.10
O3 211 O . 10.45 1.00 1.62
C3 211 O . 9.08 0.13 -2.30
C4 211 O . 9.20 1.16 -3.41
C5 211 O . 8.97 1.43 -0.23
C6 211 O . 10.07 0.52 0.33
N1 211 O . 8.21 0.73 -1.29
SR SR P . -5.30 20.88 4.58
SR SR Q . 3.66 10.42 29.44
SR SR Q . 3.34 13.02 30.15
SR SR R . -18.80 17.43 12.60
SR SR S . 2.65 21.78 28.24
PG ATP T . -5.73 24.45 5.00
O1G ATP T . -5.80 25.83 4.37
O2G ATP T . -5.52 23.32 4.02
O3G ATP T . -4.82 24.47 6.18
PB ATP T . -8.13 22.95 5.85
O1B ATP T . -7.27 21.72 5.74
O2B ATP T . -8.96 23.23 7.08
O3B ATP T . -7.24 24.26 5.56
PA ATP T . -10.01 21.94 3.88
O1A ATP T . -9.26 21.25 2.75
O2A ATP T . -10.61 21.10 4.98
O3A ATP T . -9.12 23.08 4.57
O5' ATP T . -11.19 22.80 3.21
C5' ATP T . -11.98 23.72 3.98
C4' ATP T . -12.37 24.90 3.07
O4' ATP T . -13.01 24.37 1.91
C3' ATP T . -13.36 25.88 3.71
O3' ATP T . -13.02 27.22 3.33
C2' ATP T . -14.68 25.49 3.09
O2' ATP T . -15.65 26.58 3.05
C1' ATP T . -14.24 25.07 1.69
N9 ATP T . -15.20 24.17 1.04
C8 ATP T . -15.68 23.01 1.53
N7 ATP T . -16.57 22.47 0.67
C5 ATP T . -16.66 23.30 -0.38
C6 ATP T . -17.41 23.31 -1.64
N6 ATP T . -18.25 22.28 -1.93
N1 ATP T . -17.22 24.35 -2.48
C2 ATP T . -16.37 25.36 -2.20
N3 ATP T . -15.64 25.41 -1.06
C4 ATP T . -15.76 24.42 -0.14
C1 EDO U . -9.44 4.08 1.77
O1 EDO U . -10.58 3.49 1.15
C2 EDO U . -8.77 3.03 2.66
O2 EDO U . -8.39 1.93 1.84
C1 EDO V . -9.25 10.82 -3.52
O1 EDO V . -8.36 10.45 -4.57
C2 EDO V . -10.46 9.89 -3.56
O2 EDO V . -10.05 8.53 -3.38
O1 211 W . 3.79 4.02 -1.41
O2 211 W . 7.07 5.76 -5.82
C1 211 W . 6.18 4.06 -1.94
C2 211 W . 5.06 4.58 -1.04
O3 211 W . 9.95 6.18 -2.13
C3 211 W . 7.73 4.83 -3.67
C4 211 W . 6.88 4.65 -4.93
C5 211 W . 7.61 5.99 -1.54
C6 211 W . 9.02 5.41 -1.35
N1 211 W . 6.87 5.21 -2.54
#